data_8ESL
#
_entry.id   8ESL
#
_cell.length_a   63.142
_cell.length_b   66.812
_cell.length_c   321.831
_cell.angle_alpha   90.000
_cell.angle_beta   90.000
_cell.angle_gamma   90.000
#
_symmetry.space_group_name_H-M   'P 21 21 21'
#
loop_
_entity.id
_entity.type
_entity.pdbx_description
1 polymer 'Choloylglycine hydrolase'
2 non-polymer '(1R,3aS,3bR,5aR,7R,9aS,9bS,11aR)-1-[(2R)-6-fluoro-5-oxohexan-2-yl]-9a,11a-dimethylhexadecahydro-1H-cyclopenta[a]phenanthren-7-yl hydrogen sulfate (non-preferred name)'
#
_entity_poly.entity_id   1
_entity_poly.type   'polypeptide(L)'
_entity_poly.pdbx_seq_one_letter_code
;MCSRVIYKGTDSLTVVGRSLDWKTPIPTNLYVYPRGMTKKSSDAKGAFEWTSTYGAVYAVGYDGGITEGMNEMGLVINGL
FCKGTVYNNGDTEGRPPMSLAVFVGWLLDMNATTQQCVDVLKEHNFSIGGATFDGGTVSALHWGITDSTGHSVVVEFDHG
DIRIYEMGEYRAMTNDPNWPAMTAIIDYWDKIGGQNMLPGGVTSPSRCVRANYFAHHVKPTADPDLAVSITRSIVADASV
PYTYMIEGEPNLSSTQWRSFADLKNLRYYFDIVTDSGIYYVDLTRLDLYPGAPVLKLDTSKATNLTGCANSHLKRSAPFT
PMYENLYFQSGSHHHHHH
;
_entity_poly.pdbx_strand_id   A,B,C,D
#
# COMPACT_ATOMS: atom_id res chain seq x y z
N CYS A 2 -11.86 -11.87 13.84
CA CYS A 2 -13.26 -12.04 13.50
C CYS A 2 -13.77 -10.87 12.67
N SER A 3 -14.69 -11.16 11.74
CA SER A 3 -15.26 -10.15 10.86
C SER A 3 -16.78 -10.24 10.90
N ARG A 4 -17.44 -9.11 10.65
CA ARG A 4 -18.89 -9.03 10.62
C ARG A 4 -19.31 -8.12 9.49
N VAL A 5 -20.16 -8.63 8.59
CA VAL A 5 -20.58 -7.91 7.40
C VAL A 5 -22.09 -7.82 7.40
N ILE A 6 -22.61 -6.67 6.96
CA ILE A 6 -24.05 -6.43 6.86
C ILE A 6 -24.39 -6.21 5.39
N TYR A 7 -25.31 -7.02 4.88
CA TYR A 7 -25.77 -6.93 3.50
C TYR A 7 -27.22 -6.51 3.48
N LYS A 8 -27.53 -5.44 2.72
CA LYS A 8 -28.88 -4.94 2.57
C LYS A 8 -29.25 -5.02 1.09
N GLY A 9 -30.05 -6.01 0.72
CA GLY A 9 -30.53 -6.12 -0.64
C GLY A 9 -31.73 -5.22 -0.88
N THR A 10 -32.75 -5.76 -1.54
CA THR A 10 -33.99 -5.04 -1.78
C THR A 10 -35.14 -5.75 -1.06
N ASP A 11 -36.27 -5.05 -0.96
CA ASP A 11 -37.47 -5.56 -0.30
C ASP A 11 -37.18 -5.92 1.16
N SER A 12 -36.50 -5.00 1.85
CA SER A 12 -36.19 -5.14 3.28
C SER A 12 -35.43 -6.42 3.60
N LEU A 13 -34.66 -6.92 2.63
CA LEU A 13 -33.85 -8.11 2.83
C LEU A 13 -32.51 -7.71 3.42
N THR A 14 -32.16 -8.30 4.56
CA THR A 14 -30.92 -7.98 5.27
C THR A 14 -30.27 -9.28 5.73
N VAL A 15 -29.01 -9.47 5.36
CA VAL A 15 -28.23 -10.63 5.75
C VAL A 15 -27.01 -10.15 6.52
N VAL A 16 -26.73 -10.78 7.66
CA VAL A 16 -25.60 -10.45 8.51
C VAL A 16 -24.64 -11.62 8.51
N GLY A 17 -23.48 -11.45 7.88
CA GLY A 17 -22.45 -12.47 7.85
C GLY A 17 -21.38 -12.22 8.89
N ARG A 18 -20.83 -13.30 9.42
CA ARG A 18 -19.80 -13.21 10.44
C ARG A 18 -18.89 -14.42 10.36
N SER A 19 -17.59 -14.20 10.61
CA SER A 19 -16.59 -15.25 10.61
C SER A 19 -15.83 -15.22 11.93
N LEU A 20 -15.61 -16.39 12.51
CA LEU A 20 -14.84 -16.52 13.75
C LEU A 20 -13.41 -16.88 13.40
N ASP A 21 -12.47 -16.02 13.80
CA ASP A 21 -11.05 -16.21 13.56
C ASP A 21 -10.36 -16.47 14.89
N TRP A 22 -9.68 -17.62 15.00
CA TRP A 22 -8.94 -17.95 16.21
C TRP A 22 -7.84 -18.94 15.87
N LYS A 23 -6.84 -19.01 16.74
CA LYS A 23 -5.71 -19.91 16.52
C LYS A 23 -6.13 -21.37 16.65
N THR A 24 -6.85 -21.69 17.72
CA THR A 24 -7.30 -23.05 17.95
C THR A 24 -8.79 -23.18 17.62
N PRO A 25 -9.22 -24.36 17.19
CA PRO A 25 -10.65 -24.56 16.91
C PRO A 25 -11.49 -24.37 18.17
N ILE A 26 -12.62 -23.68 18.00
CA ILE A 26 -13.55 -23.40 19.08
C ILE A 26 -14.78 -24.27 18.87
N PRO A 27 -15.05 -25.26 19.72
CA PRO A 27 -16.25 -26.09 19.55
C PRO A 27 -17.53 -25.29 19.73
N THR A 28 -18.28 -25.13 18.65
CA THR A 28 -19.51 -24.34 18.65
C THR A 28 -20.68 -25.22 18.23
N ASN A 29 -21.70 -25.26 19.06
CA ASN A 29 -22.93 -25.99 18.77
C ASN A 29 -24.10 -25.02 18.73
N LEU A 30 -25.12 -25.37 17.94
CA LEU A 30 -26.30 -24.53 17.78
C LEU A 30 -27.41 -25.02 18.71
N TYR A 31 -28.02 -24.09 19.43
CA TYR A 31 -29.15 -24.39 20.31
C TYR A 31 -30.34 -23.53 19.91
N VAL A 32 -31.52 -24.14 19.94
CA VAL A 32 -32.77 -23.44 19.63
C VAL A 32 -33.58 -23.38 20.91
N TYR A 33 -33.73 -22.19 21.48
CA TYR A 33 -34.49 -22.02 22.70
C TYR A 33 -35.88 -21.49 22.41
N PRO A 34 -36.91 -22.03 23.07
CA PRO A 34 -38.26 -21.50 22.89
C PRO A 34 -38.57 -20.34 23.84
N ARG A 35 -39.79 -19.83 23.77
CA ARG A 35 -40.20 -18.73 24.64
C ARG A 35 -40.50 -19.24 26.04
N GLY A 36 -40.47 -18.33 27.00
CA GLY A 36 -40.89 -18.64 28.36
C GLY A 36 -39.90 -19.44 29.18
N MET A 37 -38.61 -19.25 28.97
CA MET A 37 -37.58 -19.94 29.74
C MET A 37 -36.95 -18.96 30.72
N THR A 38 -36.98 -19.32 32.01
CA THR A 38 -36.40 -18.48 33.05
C THR A 38 -34.90 -18.75 33.15
N LYS A 39 -34.11 -17.69 33.04
CA LYS A 39 -32.66 -17.79 33.04
C LYS A 39 -32.07 -16.83 34.07
N LYS A 40 -30.90 -17.18 34.59
CA LYS A 40 -30.20 -16.38 35.57
C LYS A 40 -29.07 -15.61 34.91
N SER A 41 -28.92 -14.34 35.30
CA SER A 41 -27.89 -13.50 34.70
C SER A 41 -26.49 -13.96 35.10
N SER A 42 -26.34 -14.51 36.30
CA SER A 42 -25.05 -15.00 36.77
C SER A 42 -25.31 -15.97 37.92
N ASP A 43 -24.23 -16.56 38.42
CA ASP A 43 -24.29 -17.45 39.58
C ASP A 43 -23.80 -16.79 40.85
N ALA A 44 -23.40 -15.52 40.80
CA ALA A 44 -22.92 -14.80 41.96
C ALA A 44 -24.07 -14.18 42.72
N LYS A 45 -23.76 -13.54 43.84
CA LYS A 45 -24.79 -12.90 44.66
C LYS A 45 -25.31 -11.64 43.98
N GLY A 46 -26.62 -11.44 44.05
CA GLY A 46 -27.26 -10.29 43.45
C GLY A 46 -27.69 -10.47 42.01
N ALA A 47 -27.53 -11.65 41.44
CA ALA A 47 -27.93 -11.89 40.07
C ALA A 47 -29.45 -11.89 39.94
N PHE A 48 -29.93 -11.38 38.81
CA PHE A 48 -31.35 -11.32 38.53
C PHE A 48 -31.75 -12.42 37.55
N GLU A 49 -33.06 -12.53 37.31
CA GLU A 49 -33.60 -13.53 36.41
C GLU A 49 -34.53 -12.87 35.41
N TRP A 50 -34.71 -13.53 34.28
CA TRP A 50 -35.61 -13.05 33.23
C TRP A 50 -36.23 -14.25 32.52
N THR A 51 -37.43 -14.05 32.00
CA THR A 51 -38.16 -15.07 31.25
C THR A 51 -38.10 -14.72 29.76
N SER A 52 -37.64 -15.68 28.96
CA SER A 52 -37.42 -15.43 27.53
C SER A 52 -38.72 -15.06 26.84
N THR A 53 -38.77 -13.83 26.31
CA THR A 53 -39.95 -13.38 25.59
C THR A 53 -40.00 -13.95 24.17
N TYR A 54 -38.84 -14.07 23.52
CA TYR A 54 -38.77 -14.51 22.14
C TYR A 54 -37.92 -15.77 22.03
N GLY A 55 -38.37 -16.71 21.20
CA GLY A 55 -37.55 -17.87 20.89
C GLY A 55 -36.43 -17.50 19.95
N ALA A 56 -35.24 -18.08 20.19
CA ALA A 56 -34.05 -17.70 19.46
C ALA A 56 -33.21 -18.92 19.17
N VAL A 57 -32.19 -18.72 18.34
CA VAL A 57 -31.15 -19.72 18.07
C VAL A 57 -29.82 -19.14 18.50
N TYR A 58 -29.03 -19.94 19.23
CA TYR A 58 -27.76 -19.49 19.76
C TYR A 58 -26.63 -20.34 19.20
N ALA A 59 -25.52 -19.69 18.86
CA ALA A 59 -24.27 -20.36 18.52
C ALA A 59 -23.42 -20.37 19.77
N VAL A 60 -23.51 -21.47 20.52
CA VAL A 60 -22.89 -21.57 21.84
C VAL A 60 -21.52 -22.21 21.69
N GLY A 61 -20.47 -21.44 21.97
CA GLY A 61 -19.12 -21.99 21.95
C GLY A 61 -18.81 -22.72 23.25
N TYR A 62 -18.14 -23.86 23.12
CA TYR A 62 -17.79 -24.74 24.22
C TYR A 62 -19.01 -25.26 24.98
N ASP A 63 -20.21 -25.05 24.44
CA ASP A 63 -21.46 -25.41 25.13
C ASP A 63 -21.51 -24.80 26.53
N GLY A 64 -21.13 -23.52 26.63
CA GLY A 64 -21.09 -22.85 27.90
C GLY A 64 -21.24 -21.34 27.82
N GLY A 65 -21.35 -20.81 26.61
CA GLY A 65 -21.50 -19.38 26.43
C GLY A 65 -21.99 -18.98 25.06
N ILE A 66 -22.87 -17.98 25.01
CA ILE A 66 -23.51 -17.56 23.77
C ILE A 66 -22.58 -16.58 23.05
N THR A 67 -22.05 -17.00 21.91
CA THR A 67 -21.23 -16.12 21.08
C THR A 67 -22.09 -15.14 20.30
N GLU A 68 -23.05 -15.67 19.53
CA GLU A 68 -23.95 -14.84 18.73
C GLU A 68 -25.31 -15.53 18.70
N GLY A 69 -26.26 -14.93 18.01
CA GLY A 69 -27.58 -15.53 17.92
C GLY A 69 -28.53 -14.67 17.11
N MET A 70 -29.73 -15.21 16.93
CA MET A 70 -30.78 -14.56 16.15
C MET A 70 -32.12 -14.99 16.71
N ASN A 71 -32.92 -14.02 17.16
CA ASN A 71 -34.24 -14.33 17.70
C ASN A 71 -35.30 -14.36 16.60
N GLU A 72 -36.50 -14.79 16.97
CA GLU A 72 -37.60 -14.94 16.02
C GLU A 72 -38.13 -13.61 15.51
N MET A 73 -37.62 -12.49 15.99
CA MET A 73 -38.04 -11.17 15.51
C MET A 73 -37.11 -10.60 14.45
N GLY A 74 -36.01 -11.28 14.15
CA GLY A 74 -35.04 -10.79 13.20
C GLY A 74 -33.88 -10.03 13.81
N LEU A 75 -33.74 -10.02 15.13
CA LEU A 75 -32.66 -9.32 15.81
C LEU A 75 -31.44 -10.23 15.88
N VAL A 76 -30.29 -9.72 15.43
CA VAL A 76 -29.05 -10.46 15.41
C VAL A 76 -28.01 -9.70 16.22
N ILE A 77 -27.29 -10.41 17.08
CA ILE A 77 -26.23 -9.84 17.91
C ILE A 77 -24.99 -10.70 17.73
N ASN A 78 -23.86 -10.04 17.45
CA ASN A 78 -22.60 -10.73 17.17
C ASN A 78 -21.52 -10.20 18.09
N GLY A 79 -20.87 -11.10 18.83
CA GLY A 79 -19.79 -10.73 19.72
C GLY A 79 -18.44 -10.96 19.07
N LEU A 80 -17.62 -9.92 19.08
CA LEU A 80 -16.29 -9.97 18.48
C LEU A 80 -15.26 -9.48 19.48
N PHE A 81 -14.07 -10.09 19.43
CA PHE A 81 -13.01 -9.75 20.37
C PHE A 81 -12.55 -8.31 20.19
N CYS A 82 -12.26 -7.65 21.31
CA CYS A 82 -11.71 -6.30 21.30
C CYS A 82 -10.75 -6.19 22.47
N LYS A 83 -9.47 -5.96 22.17
CA LYS A 83 -8.44 -6.05 23.20
C LYS A 83 -8.62 -5.00 24.29
N GLY A 84 -8.90 -3.76 23.90
CA GLY A 84 -8.99 -2.67 24.85
C GLY A 84 -10.29 -2.57 25.63
N THR A 85 -11.12 -3.61 25.63
CA THR A 85 -12.40 -3.55 26.32
C THR A 85 -12.22 -3.74 27.81
N VAL A 86 -12.74 -2.80 28.59
CA VAL A 86 -12.78 -2.89 30.05
C VAL A 86 -14.23 -2.79 30.47
N TYR A 87 -14.74 -3.84 31.13
CA TYR A 87 -16.17 -3.95 31.36
C TYR A 87 -16.62 -3.14 32.57
N ASN A 88 -15.88 -3.21 33.68
CA ASN A 88 -16.33 -2.62 34.93
C ASN A 88 -15.39 -1.50 35.37
N ASN A 89 -15.98 -0.49 36.02
CA ASN A 89 -15.22 0.59 36.63
C ASN A 89 -15.78 0.81 38.04
N GLY A 90 -15.56 2.01 38.58
CA GLY A 90 -16.05 2.31 39.92
C GLY A 90 -17.54 2.50 39.99
N ASP A 91 -18.16 2.99 38.92
CA ASP A 91 -19.59 3.25 38.92
C ASP A 91 -20.41 1.98 38.69
N THR A 92 -19.80 0.93 38.16
CA THR A 92 -20.51 -0.33 37.91
C THR A 92 -20.40 -1.31 39.06
N GLU A 93 -19.52 -1.07 40.02
CA GLU A 93 -19.40 -1.96 41.17
C GLU A 93 -20.65 -1.86 42.04
N GLY A 94 -21.25 -3.00 42.33
CA GLY A 94 -22.49 -3.06 43.10
C GLY A 94 -23.72 -3.33 42.27
N ARG A 95 -23.62 -3.26 40.94
CA ARG A 95 -24.75 -3.54 40.06
C ARG A 95 -24.93 -5.05 39.90
N PRO A 96 -26.13 -5.49 39.53
CA PRO A 96 -26.39 -6.93 39.38
C PRO A 96 -25.42 -7.57 38.41
N PRO A 97 -24.82 -8.71 38.77
CA PRO A 97 -23.82 -9.32 37.89
C PRO A 97 -24.44 -9.96 36.67
N MET A 98 -23.82 -9.73 35.52
CA MET A 98 -24.22 -10.33 34.25
C MET A 98 -23.03 -11.08 33.67
N SER A 99 -23.20 -12.39 33.48
CA SER A 99 -22.14 -13.21 32.92
C SER A 99 -22.11 -13.05 31.41
N LEU A 100 -20.89 -13.03 30.85
CA LEU A 100 -20.73 -12.95 29.41
C LEU A 100 -21.23 -14.20 28.69
N ALA A 101 -21.48 -15.29 29.42
CA ALA A 101 -21.97 -16.51 28.80
C ALA A 101 -23.43 -16.39 28.38
N VAL A 102 -24.21 -15.58 29.08
CA VAL A 102 -25.63 -15.42 28.80
C VAL A 102 -26.00 -13.98 28.48
N PHE A 103 -25.01 -13.11 28.29
CA PHE A 103 -25.31 -11.70 28.01
C PHE A 103 -25.98 -11.53 26.65
N VAL A 104 -25.51 -12.27 25.64
CA VAL A 104 -26.09 -12.15 24.30
C VAL A 104 -27.51 -12.70 24.27
N GLY A 105 -27.73 -13.84 24.92
CA GLY A 105 -29.07 -14.39 24.99
C GLY A 105 -30.04 -13.53 25.75
N TRP A 106 -29.57 -12.85 26.80
CA TRP A 106 -30.44 -11.96 27.57
C TRP A 106 -30.99 -10.84 26.69
N LEU A 107 -30.14 -10.25 25.85
CA LEU A 107 -30.60 -9.21 24.95
C LEU A 107 -31.48 -9.78 23.83
N LEU A 108 -31.21 -11.02 23.42
CA LEU A 108 -32.02 -11.64 22.38
C LEU A 108 -33.35 -12.15 22.91
N ASP A 109 -33.41 -12.49 24.20
CA ASP A 109 -34.65 -13.03 24.76
C ASP A 109 -35.69 -11.94 24.97
N MET A 110 -35.26 -10.78 25.48
CA MET A 110 -36.20 -9.75 25.91
C MET A 110 -36.46 -8.67 24.87
N ASN A 111 -35.54 -8.44 23.95
CA ASN A 111 -35.65 -7.36 23.00
C ASN A 111 -36.03 -7.88 21.61
N ALA A 112 -36.66 -7.02 20.83
CA ALA A 112 -37.07 -7.35 19.46
C ALA A 112 -36.44 -6.47 18.41
N THR A 113 -36.05 -5.24 18.74
CA THR A 113 -35.42 -4.33 17.81
C THR A 113 -34.07 -3.88 18.37
N THR A 114 -33.26 -3.26 17.49
CA THR A 114 -31.98 -2.73 17.92
C THR A 114 -32.15 -1.56 18.88
N GLN A 115 -33.20 -0.76 18.69
CA GLN A 115 -33.44 0.38 19.57
C GLN A 115 -33.78 -0.08 20.98
N GLN A 116 -34.51 -1.19 21.11
CA GLN A 116 -34.84 -1.71 22.44
C GLN A 116 -33.58 -2.17 23.18
N CYS A 117 -32.61 -2.72 22.45
CA CYS A 117 -31.34 -3.08 23.08
C CYS A 117 -30.57 -1.83 23.52
N VAL A 118 -30.64 -0.76 22.71
CA VAL A 118 -29.95 0.47 23.06
C VAL A 118 -30.52 1.08 24.32
N ASP A 119 -31.86 1.08 24.45
CA ASP A 119 -32.48 1.61 25.65
C ASP A 119 -32.14 0.79 26.88
N VAL A 120 -32.09 -0.54 26.74
CA VAL A 120 -31.74 -1.40 27.86
C VAL A 120 -30.28 -1.21 28.24
N LEU A 121 -29.39 -1.13 27.24
CA LEU A 121 -27.98 -0.92 27.52
C LEU A 121 -27.68 0.50 27.97
N LYS A 122 -28.51 1.48 27.60
CA LYS A 122 -28.31 2.84 28.07
C LYS A 122 -28.58 2.96 29.57
N GLU A 123 -29.43 2.10 30.12
CA GLU A 123 -29.66 2.11 31.56
C GLU A 123 -28.43 1.59 32.31
N HIS A 124 -27.79 0.56 31.77
CA HIS A 124 -26.55 0.00 32.33
C HIS A 124 -26.73 -0.39 33.80
N ASN A 125 -27.80 -1.13 34.07
CA ASN A 125 -28.11 -1.61 35.42
C ASN A 125 -27.48 -2.97 35.71
N PHE A 126 -26.23 -3.18 35.30
CA PHE A 126 -25.59 -4.47 35.47
C PHE A 126 -24.08 -4.31 35.41
N SER A 127 -23.38 -5.29 35.97
CA SER A 127 -21.94 -5.40 35.90
C SER A 127 -21.58 -6.70 35.19
N ILE A 128 -20.56 -6.64 34.34
CA ILE A 128 -20.17 -7.77 33.49
C ILE A 128 -19.06 -8.55 34.18
N GLY A 129 -19.20 -9.87 34.21
CA GLY A 129 -18.19 -10.74 34.79
C GLY A 129 -18.04 -12.05 34.06
N SER A 139 -10.98 -12.26 28.21
CA SER A 139 -12.24 -12.31 27.48
C SER A 139 -12.87 -10.92 27.37
N ALA A 140 -12.34 -10.11 26.46
CA ALA A 140 -12.81 -8.75 26.24
C ALA A 140 -13.38 -8.65 24.82
N LEU A 141 -14.67 -8.31 24.72
CA LEU A 141 -15.36 -8.34 23.45
C LEU A 141 -16.26 -7.11 23.29
N HIS A 142 -16.69 -6.88 22.05
CA HIS A 142 -17.63 -5.84 21.71
C HIS A 142 -18.63 -6.41 20.70
N TRP A 143 -19.84 -5.86 20.70
CA TRP A 143 -20.97 -6.49 20.02
C TRP A 143 -21.51 -5.62 18.89
N GLY A 144 -22.05 -6.30 17.87
CA GLY A 144 -22.76 -5.65 16.79
C GLY A 144 -24.19 -6.16 16.71
N ILE A 145 -25.16 -5.25 16.79
CA ILE A 145 -26.57 -5.59 16.90
C ILE A 145 -27.29 -5.06 15.67
N THR A 146 -28.04 -5.92 15.00
CA THR A 146 -28.80 -5.54 13.81
C THR A 146 -30.19 -6.16 13.87
N ASP A 147 -31.22 -5.35 13.58
CA ASP A 147 -32.59 -5.82 13.55
C ASP A 147 -33.07 -5.99 12.11
N SER A 148 -34.29 -6.49 11.96
CA SER A 148 -34.84 -6.81 10.64
C SER A 148 -34.87 -5.59 9.74
N THR A 149 -35.11 -4.40 10.29
CA THR A 149 -35.18 -3.20 9.48
C THR A 149 -33.82 -2.77 8.95
N GLY A 150 -32.74 -3.40 9.39
CA GLY A 150 -31.39 -3.04 8.95
C GLY A 150 -30.65 -2.10 9.89
N HIS A 151 -31.35 -1.50 10.85
CA HIS A 151 -30.68 -0.64 11.83
C HIS A 151 -29.63 -1.44 12.59
N SER A 152 -28.41 -0.91 12.63
CA SER A 152 -27.30 -1.59 13.27
C SER A 152 -26.50 -0.62 14.10
N VAL A 153 -25.99 -1.09 15.24
CA VAL A 153 -25.16 -0.31 16.14
C VAL A 153 -23.96 -1.15 16.56
N VAL A 154 -22.99 -0.48 17.19
CA VAL A 154 -21.82 -1.11 17.76
C VAL A 154 -21.74 -0.76 19.23
N VAL A 155 -21.67 -1.77 20.09
CA VAL A 155 -21.65 -1.60 21.53
C VAL A 155 -20.24 -1.88 22.02
N GLU A 156 -19.65 -0.92 22.73
CA GLU A 156 -18.30 -1.03 23.25
C GLU A 156 -18.26 -0.55 24.70
N PHE A 157 -17.46 -1.25 25.52
CA PHE A 157 -17.32 -0.92 26.93
C PHE A 157 -16.00 -0.17 27.11
N ASP A 158 -16.08 1.15 27.30
CA ASP A 158 -14.91 1.99 27.46
C ASP A 158 -14.71 2.28 28.94
N HIS A 159 -14.02 1.36 29.63
CA HIS A 159 -13.73 1.47 31.05
C HIS A 159 -15.01 1.66 31.86
N GLY A 160 -15.88 0.66 31.77
CA GLY A 160 -17.16 0.72 32.48
C GLY A 160 -18.10 1.77 31.94
N ASP A 161 -18.12 1.98 30.63
CA ASP A 161 -19.00 2.95 29.99
C ASP A 161 -19.45 2.39 28.66
N ILE A 162 -20.76 2.13 28.53
CA ILE A 162 -21.32 1.53 27.32
C ILE A 162 -21.35 2.60 26.24
N ARG A 163 -20.39 2.52 25.31
CA ARG A 163 -20.37 3.40 24.14
C ARG A 163 -21.13 2.73 23.01
N ILE A 164 -22.22 3.35 22.58
CA ILE A 164 -23.07 2.82 21.50
C ILE A 164 -22.96 3.77 20.31
N TYR A 165 -22.51 3.24 19.18
CA TYR A 165 -22.31 4.01 17.97
C TYR A 165 -23.27 3.53 16.88
N GLU A 166 -23.82 4.47 16.13
CA GLU A 166 -24.65 4.13 14.98
C GLU A 166 -23.75 3.73 13.81
N MET A 167 -23.98 2.53 13.27
CA MET A 167 -23.19 2.08 12.13
C MET A 167 -23.47 2.91 10.88
N GLY A 168 -24.64 3.53 10.79
CA GLY A 168 -24.98 4.41 9.69
C GLY A 168 -24.81 3.78 8.32
N GLU A 169 -23.86 4.28 7.55
CA GLU A 169 -23.56 3.74 6.23
C GLU A 169 -22.41 2.75 6.23
N TYR A 170 -21.78 2.51 7.38
CA TYR A 170 -20.75 1.50 7.48
C TYR A 170 -21.37 0.11 7.52
N ARG A 171 -20.72 -0.84 6.84
CA ARG A 171 -21.24 -2.19 6.71
C ARG A 171 -20.45 -3.24 7.46
N ALA A 172 -19.18 -2.99 7.76
CA ALA A 172 -18.29 -3.98 8.34
C ALA A 172 -17.95 -3.63 9.78
N MET A 173 -17.41 -4.63 10.48
CA MET A 173 -17.05 -4.50 11.90
C MET A 173 -16.15 -5.67 12.25
N THR A 174 -14.91 -5.39 12.60
CA THR A 174 -13.92 -6.41 12.93
C THR A 174 -13.57 -6.28 14.42
N ASN A 175 -12.29 -6.36 14.80
CA ASN A 175 -11.86 -6.32 16.18
C ASN A 175 -11.39 -4.92 16.56
N ASP A 176 -10.08 -4.73 16.65
CA ASP A 176 -9.41 -3.51 17.08
C ASP A 176 -8.96 -2.68 15.88
N PRO A 177 -8.84 -1.35 16.03
CA PRO A 177 -9.09 -0.55 17.24
C PRO A 177 -10.57 -0.27 17.47
N ASN A 178 -10.90 0.69 18.33
CA ASN A 178 -12.29 1.01 18.61
C ASN A 178 -12.97 1.58 17.37
N TRP A 179 -14.30 1.70 17.45
CA TRP A 179 -15.08 2.12 16.30
C TRP A 179 -14.71 3.51 15.79
N PRO A 180 -14.51 4.53 16.63
CA PRO A 180 -14.08 5.84 16.09
C PRO A 180 -12.78 5.76 15.30
N ALA A 181 -11.77 5.07 15.83
CA ALA A 181 -10.52 4.90 15.10
C ALA A 181 -10.70 4.00 13.89
N MET A 182 -11.61 3.03 13.97
CA MET A 182 -11.85 2.14 12.84
C MET A 182 -12.50 2.89 11.68
N THR A 183 -13.47 3.77 11.99
CA THR A 183 -14.10 4.55 10.93
C THR A 183 -13.13 5.55 10.31
N ALA A 184 -12.20 6.08 11.11
CA ALA A 184 -11.19 6.98 10.56
C ALA A 184 -10.30 6.26 9.56
N ILE A 185 -10.02 4.98 9.79
CA ILE A 185 -9.25 4.19 8.83
C ILE A 185 -10.10 3.87 7.61
N ILE A 186 -11.39 3.58 7.82
CA ILE A 186 -12.28 3.32 6.69
C ILE A 186 -12.45 4.57 5.83
N ASP A 187 -12.58 5.73 6.47
CA ASP A 187 -12.74 6.97 5.72
C ASP A 187 -11.47 7.34 4.97
N TYR A 188 -10.30 7.02 5.53
CA TYR A 188 -9.04 7.29 4.84
C TYR A 188 -8.91 6.45 3.58
N TRP A 189 -9.25 5.17 3.66
CA TRP A 189 -9.13 4.29 2.49
C TRP A 189 -10.20 4.57 1.46
N ASP A 190 -11.38 5.04 1.89
CA ASP A 190 -12.44 5.36 0.95
C ASP A 190 -12.05 6.52 0.05
N LYS A 191 -11.23 7.45 0.56
CA LYS A 191 -10.73 8.54 -0.27
C LYS A 191 -9.69 8.06 -1.27
N ILE A 192 -9.07 6.90 -1.02
CA ILE A 192 -8.14 6.33 -1.98
C ILE A 192 -8.90 5.63 -3.10
N GLY A 193 -10.00 4.96 -2.76
CA GLY A 193 -10.79 4.25 -3.75
C GLY A 193 -10.54 2.76 -3.73
N GLY A 194 -11.55 1.99 -3.31
CA GLY A 194 -11.41 0.54 -3.28
C GLY A 194 -11.12 -0.06 -4.64
N GLN A 195 -11.58 0.59 -5.71
CA GLN A 195 -11.27 0.14 -7.06
C GLN A 195 -9.80 0.36 -7.40
N ASN A 196 -9.10 1.19 -6.64
CA ASN A 196 -7.70 1.53 -6.90
C ASN A 196 -6.73 0.73 -6.03
N MET A 197 -6.98 0.68 -4.72
CA MET A 197 -6.09 -0.04 -3.82
C MET A 197 -6.85 -0.38 -2.55
N LEU A 198 -6.65 -1.59 -2.05
CA LEU A 198 -7.23 -2.08 -0.81
C LEU A 198 -6.17 -2.80 0.01
N PRO A 199 -6.25 -2.74 1.34
CA PRO A 199 -5.29 -3.48 2.18
C PRO A 199 -5.64 -4.96 2.20
N GLY A 200 -4.68 -5.80 1.82
CA GLY A 200 -4.89 -7.23 1.70
C GLY A 200 -4.39 -8.08 2.85
N GLY A 201 -4.00 -7.47 3.96
CA GLY A 201 -3.53 -8.24 5.11
C GLY A 201 -4.66 -8.92 5.85
N VAL A 202 -4.27 -9.62 6.92
CA VAL A 202 -5.24 -10.30 7.78
C VAL A 202 -5.52 -9.52 9.06
N THR A 203 -4.95 -8.33 9.20
CA THR A 203 -5.22 -7.52 10.37
C THR A 203 -6.67 -7.04 10.38
N SER A 204 -7.13 -6.62 11.56
CA SER A 204 -8.54 -6.23 11.71
C SER A 204 -8.90 -5.01 10.88
N PRO A 205 -8.13 -3.92 10.83
CA PRO A 205 -8.51 -2.80 9.95
C PRO A 205 -8.49 -3.17 8.48
N SER A 206 -7.56 -4.03 8.05
CA SER A 206 -7.49 -4.42 6.65
C SER A 206 -8.70 -5.28 6.27
N ARG A 207 -9.16 -6.13 7.19
CA ARG A 207 -10.34 -6.93 6.91
C ARG A 207 -11.62 -6.09 6.93
N CYS A 208 -11.65 -5.03 7.74
CA CYS A 208 -12.85 -4.20 7.83
C CYS A 208 -13.01 -3.33 6.59
N VAL A 209 -11.92 -2.73 6.09
CA VAL A 209 -11.99 -1.87 4.92
C VAL A 209 -12.43 -2.69 3.70
N ARG A 210 -11.89 -3.89 3.55
CA ARG A 210 -12.27 -4.74 2.41
C ARG A 210 -13.74 -5.12 2.48
N ALA A 211 -14.18 -5.61 3.64
CA ALA A 211 -15.57 -6.05 3.78
C ALA A 211 -16.54 -4.88 3.64
N ASN A 212 -16.18 -3.71 4.17
CA ASN A 212 -17.05 -2.55 4.05
C ASN A 212 -17.14 -2.08 2.61
N TYR A 213 -16.04 -2.16 1.86
CA TYR A 213 -16.06 -1.75 0.46
C TYR A 213 -16.90 -2.70 -0.39
N PHE A 214 -16.60 -4.00 -0.30
CA PHE A 214 -17.30 -4.97 -1.15
C PHE A 214 -18.79 -5.01 -0.83
N ALA A 215 -19.17 -4.75 0.42
CA ALA A 215 -20.59 -4.74 0.77
C ALA A 215 -21.33 -3.61 0.06
N HIS A 216 -20.65 -2.50 -0.23
CA HIS A 216 -21.28 -1.39 -0.93
C HIS A 216 -21.29 -1.59 -2.45
N HIS A 217 -20.47 -2.51 -2.97
CA HIS A 217 -20.26 -2.62 -4.40
C HIS A 217 -20.64 -4.00 -4.94
N VAL A 218 -21.60 -4.65 -4.28
CA VAL A 218 -22.23 -5.86 -4.81
C VAL A 218 -23.67 -5.53 -5.17
N LYS A 219 -24.24 -6.35 -6.04
CA LYS A 219 -25.59 -6.07 -6.53
C LYS A 219 -26.63 -6.43 -5.47
N PRO A 220 -27.54 -5.51 -5.13
CA PRO A 220 -28.60 -5.85 -4.18
C PRO A 220 -29.68 -6.68 -4.86
N THR A 221 -30.18 -7.68 -4.13
CA THR A 221 -31.17 -8.60 -4.66
C THR A 221 -32.23 -8.89 -3.61
N ALA A 222 -33.36 -9.41 -4.06
CA ALA A 222 -34.45 -9.82 -3.19
C ALA A 222 -34.50 -11.33 -3.00
N ASP A 223 -33.64 -12.08 -3.70
CA ASP A 223 -33.57 -13.52 -3.52
C ASP A 223 -32.91 -13.81 -2.18
N PRO A 224 -33.58 -14.50 -1.25
CA PRO A 224 -32.93 -14.81 0.03
C PRO A 224 -31.72 -15.73 -0.12
N ASP A 225 -31.72 -16.60 -1.13
CA ASP A 225 -30.59 -17.50 -1.32
C ASP A 225 -29.41 -16.79 -1.98
N LEU A 226 -29.69 -15.88 -2.91
CA LEU A 226 -28.61 -15.13 -3.55
C LEU A 226 -27.97 -14.16 -2.58
N ALA A 227 -28.76 -13.53 -1.71
CA ALA A 227 -28.21 -12.60 -0.74
C ALA A 227 -27.24 -13.30 0.21
N VAL A 228 -27.53 -14.55 0.56
CA VAL A 228 -26.61 -15.30 1.41
C VAL A 228 -25.34 -15.65 0.65
N SER A 229 -25.47 -16.06 -0.60
CA SER A 229 -24.30 -16.39 -1.40
C SER A 229 -23.43 -15.18 -1.64
N ILE A 230 -24.03 -14.00 -1.80
CA ILE A 230 -23.26 -12.77 -1.95
C ILE A 230 -22.55 -12.43 -0.65
N THR A 231 -23.24 -12.57 0.48
CA THR A 231 -22.61 -12.31 1.77
C THR A 231 -21.49 -13.30 2.04
N ARG A 232 -21.63 -14.55 1.59
CA ARG A 232 -20.57 -15.53 1.77
C ARG A 232 -19.30 -15.13 1.03
N SER A 233 -19.45 -14.58 -0.18
CA SER A 233 -18.28 -14.19 -0.96
C SER A 233 -17.54 -13.03 -0.33
N ILE A 234 -18.26 -12.12 0.34
CA ILE A 234 -17.60 -11.00 1.00
C ILE A 234 -16.92 -11.47 2.28
N VAL A 235 -17.60 -12.31 3.07
CA VAL A 235 -17.01 -12.81 4.30
C VAL A 235 -15.80 -13.68 4.00
N ALA A 236 -15.89 -14.52 2.96
CA ALA A 236 -14.75 -15.35 2.59
C ALA A 236 -13.55 -14.52 2.14
N ASP A 237 -13.80 -13.38 1.50
CA ASP A 237 -12.71 -12.49 1.12
C ASP A 237 -11.99 -11.93 2.34
N ALA A 238 -12.72 -11.71 3.43
CA ALA A 238 -12.16 -11.23 4.68
C ALA A 238 -11.82 -12.37 5.63
N SER A 239 -11.95 -13.61 5.19
CA SER A 239 -11.64 -14.77 6.02
C SER A 239 -10.18 -15.14 5.89
N VAL A 240 -9.52 -15.35 7.02
CA VAL A 240 -8.10 -15.72 7.03
C VAL A 240 -7.96 -17.15 6.56
N PRO A 241 -7.01 -17.46 5.68
CA PRO A 241 -6.82 -18.84 5.25
C PRO A 241 -6.52 -19.76 6.41
N TYR A 242 -6.85 -21.04 6.24
CA TYR A 242 -6.73 -22.00 7.32
C TYR A 242 -5.27 -22.36 7.57
N THR A 243 -4.97 -22.69 8.82
CA THR A 243 -3.64 -23.03 9.32
C THR A 243 -2.64 -21.89 9.16
N TYR A 244 -3.11 -20.67 8.90
CA TYR A 244 -2.29 -19.47 8.91
C TYR A 244 -2.51 -18.74 10.23
N MET A 245 -1.41 -18.38 10.89
CA MET A 245 -1.51 -17.73 12.19
C MET A 245 -0.38 -16.72 12.34
N ILE A 246 -0.56 -15.80 13.27
CA ILE A 246 0.43 -14.79 13.60
C ILE A 246 0.78 -14.91 15.07
N GLU A 247 2.07 -14.93 15.39
CA GLU A 247 2.53 -15.08 16.76
C GLU A 247 2.14 -13.88 17.61
N LEU A 252 -6.05 -12.83 14.88
CA LEU A 252 -5.68 -12.64 13.48
C LEU A 252 -5.26 -13.95 12.85
N SER A 253 -5.72 -15.07 13.44
CA SER A 253 -5.34 -16.39 12.98
C SER A 253 -6.44 -16.95 12.07
N SER A 254 -6.47 -18.27 11.90
CA SER A 254 -7.33 -18.90 10.91
C SER A 254 -8.81 -18.73 11.25
N THR A 255 -9.62 -18.59 10.21
CA THR A 255 -11.07 -18.56 10.35
C THR A 255 -11.57 -19.98 10.59
N GLN A 256 -12.29 -20.20 11.69
CA GLN A 256 -12.74 -21.54 12.05
C GLN A 256 -14.11 -21.86 11.50
N TRP A 257 -15.02 -20.88 11.47
CA TRP A 257 -16.35 -21.08 10.90
C TRP A 257 -16.95 -19.72 10.57
N ARG A 258 -18.01 -19.75 9.77
CA ARG A 258 -18.71 -18.54 9.34
C ARG A 258 -20.21 -18.73 9.53
N SER A 259 -20.88 -17.65 9.94
CA SER A 259 -22.32 -17.66 10.17
C SER A 259 -22.98 -16.58 9.33
N PHE A 260 -24.18 -16.88 8.86
CA PHE A 260 -24.95 -15.96 8.03
C PHE A 260 -26.41 -16.02 8.46
N ALA A 261 -26.99 -14.86 8.78
CA ALA A 261 -28.35 -14.76 9.29
C ALA A 261 -29.21 -14.01 8.29
N ASP A 262 -30.29 -14.64 7.83
CA ASP A 262 -31.26 -14.00 6.98
C ASP A 262 -32.33 -13.38 7.88
N LEU A 263 -32.30 -12.06 8.01
CA LEU A 263 -33.13 -11.40 9.01
C LEU A 263 -34.60 -11.34 8.59
N LYS A 264 -34.87 -11.26 7.30
CA LYS A 264 -36.25 -11.20 6.82
C LYS A 264 -36.94 -12.56 6.86
N ASN A 265 -36.18 -13.63 6.62
CA ASN A 265 -36.74 -14.97 6.54
C ASN A 265 -36.42 -15.83 7.76
N LEU A 266 -35.67 -15.30 8.73
CA LEU A 266 -35.36 -15.99 9.98
C LEU A 266 -34.62 -17.31 9.72
N ARG A 267 -33.65 -17.26 8.81
CA ARG A 267 -32.77 -18.40 8.54
C ARG A 267 -31.38 -18.08 9.06
N TYR A 268 -30.79 -19.04 9.77
CA TYR A 268 -29.46 -18.87 10.35
C TYR A 268 -28.54 -19.91 9.73
N TYR A 269 -27.75 -19.49 8.74
CA TYR A 269 -26.83 -20.37 8.04
C TYR A 269 -25.57 -20.57 8.87
N PHE A 270 -24.92 -21.72 8.66
CA PHE A 270 -23.73 -22.07 9.42
C PHE A 270 -22.91 -23.06 8.61
N ASP A 271 -21.59 -22.88 8.64
CA ASP A 271 -20.68 -23.81 7.98
C ASP A 271 -19.32 -23.76 8.66
N ILE A 272 -18.69 -24.91 8.76
CA ILE A 272 -17.30 -25.01 9.21
C ILE A 272 -16.41 -24.91 7.97
N VAL A 273 -15.26 -24.24 8.13
CA VAL A 273 -14.38 -24.02 6.99
C VAL A 273 -13.83 -25.32 6.44
N THR A 274 -13.80 -26.39 7.25
CA THR A 274 -13.30 -27.68 6.82
C THR A 274 -14.39 -28.64 6.37
N ASP A 275 -15.66 -28.25 6.49
CA ASP A 275 -16.76 -29.08 6.07
C ASP A 275 -17.07 -28.86 4.59
N SER A 276 -17.80 -29.81 4.01
CA SER A 276 -18.11 -29.80 2.58
C SER A 276 -19.49 -29.23 2.28
N GLY A 277 -20.21 -28.74 3.28
CA GLY A 277 -21.54 -28.20 3.05
C GLY A 277 -21.92 -27.17 4.08
N ILE A 278 -22.88 -26.33 3.69
CA ILE A 278 -23.42 -25.29 4.57
C ILE A 278 -24.91 -25.57 4.78
N TYR A 279 -25.36 -25.39 6.02
CA TYR A 279 -26.75 -25.65 6.38
C TYR A 279 -27.30 -24.47 7.18
N TYR A 280 -28.62 -24.37 7.23
CA TYR A 280 -29.30 -23.28 7.92
C TYR A 280 -30.43 -23.82 8.77
N VAL A 281 -30.76 -23.08 9.83
CA VAL A 281 -31.85 -23.39 10.72
C VAL A 281 -32.97 -22.39 10.45
N ASP A 282 -34.13 -22.89 10.04
CA ASP A 282 -35.27 -22.04 9.72
C ASP A 282 -36.14 -21.91 10.97
N LEU A 283 -36.12 -20.72 11.59
CA LEU A 283 -36.91 -20.50 12.80
C LEU A 283 -38.40 -20.48 12.53
N THR A 284 -38.82 -20.18 11.30
CA THR A 284 -40.24 -20.20 10.97
C THR A 284 -40.81 -21.61 10.96
N ARG A 285 -39.96 -22.63 10.84
CA ARG A 285 -40.39 -24.02 10.78
C ARG A 285 -40.09 -24.76 12.09
N LEU A 286 -40.06 -24.04 13.21
CA LEU A 286 -39.76 -24.65 14.49
C LEU A 286 -40.79 -24.22 15.53
N ASP A 287 -41.00 -25.08 16.52
CA ASP A 287 -41.92 -24.81 17.62
C ASP A 287 -41.19 -24.00 18.68
N LEU A 288 -41.61 -22.74 18.85
CA LEU A 288 -41.01 -21.86 19.83
C LEU A 288 -41.96 -21.46 20.94
N TYR A 289 -43.15 -22.06 20.99
CA TYR A 289 -44.13 -21.74 22.03
C TYR A 289 -43.59 -22.12 23.40
N PRO A 290 -44.09 -21.48 24.46
CA PRO A 290 -43.68 -21.85 25.82
C PRO A 290 -43.98 -23.31 26.11
N GLY A 291 -42.99 -24.01 26.67
CA GLY A 291 -43.10 -25.42 26.93
C GLY A 291 -42.45 -26.31 25.88
N ALA A 292 -42.02 -25.73 24.76
CA ALA A 292 -41.36 -26.50 23.72
C ALA A 292 -40.00 -26.99 24.21
N PRO A 293 -39.49 -28.09 23.66
CA PRO A 293 -38.20 -28.59 24.09
C PRO A 293 -37.04 -27.85 23.45
N VAL A 294 -35.92 -27.84 24.16
CA VAL A 294 -34.69 -27.22 23.65
C VAL A 294 -34.05 -28.14 22.63
N LEU A 295 -33.77 -27.62 21.44
CA LEU A 295 -33.13 -28.38 20.38
C LEU A 295 -31.65 -28.02 20.30
N LYS A 296 -30.85 -28.99 19.84
CA LYS A 296 -29.41 -28.80 19.70
C LYS A 296 -28.93 -29.46 18.42
N LEU A 297 -27.95 -28.84 17.77
CA LEU A 297 -27.34 -29.35 16.55
C LEU A 297 -25.85 -29.46 16.79
N ASP A 298 -25.33 -30.68 16.86
CA ASP A 298 -23.91 -30.91 17.04
C ASP A 298 -23.21 -30.68 15.71
N THR A 299 -22.45 -29.58 15.61
CA THR A 299 -21.79 -29.24 14.36
C THR A 299 -20.67 -30.22 14.01
N SER A 300 -20.15 -30.97 14.98
CA SER A 300 -19.11 -31.94 14.70
C SER A 300 -19.65 -33.15 13.95
N LYS A 301 -20.96 -33.36 13.95
CA LYS A 301 -21.58 -34.49 13.25
C LYS A 301 -22.25 -34.07 11.96
N ALA A 302 -22.13 -32.81 11.56
CA ALA A 302 -22.72 -32.33 10.31
C ALA A 302 -21.64 -31.92 9.31
N THR A 303 -20.72 -32.84 9.03
CA THR A 303 -19.60 -32.54 8.14
C THR A 303 -19.99 -32.52 6.67
N ASN A 304 -21.21 -32.94 6.33
CA ASN A 304 -21.64 -32.96 4.93
C ASN A 304 -23.13 -32.66 4.85
N LEU A 305 -23.60 -31.71 5.66
CA LEU A 305 -25.02 -31.36 5.71
C LEU A 305 -25.26 -30.09 4.90
N THR A 306 -26.22 -30.16 3.98
CA THR A 306 -26.61 -29.01 3.17
C THR A 306 -28.11 -28.80 3.26
N GLY A 307 -28.53 -27.58 2.97
CA GLY A 307 -29.94 -27.24 3.01
C GLY A 307 -30.44 -27.00 4.42
N CYS A 308 -31.77 -27.06 4.56
CA CYS A 308 -32.38 -26.87 5.86
C CYS A 308 -32.01 -28.02 6.80
N ALA A 309 -31.53 -27.67 7.99
CA ALA A 309 -31.09 -28.64 8.98
C ALA A 309 -32.05 -28.77 10.15
N ASN A 310 -33.33 -28.41 9.95
CA ASN A 310 -34.30 -28.52 11.03
C ASN A 310 -34.54 -29.98 11.43
N SER A 311 -34.46 -30.90 10.47
CA SER A 311 -34.68 -32.31 10.76
C SER A 311 -33.55 -32.92 11.58
N HIS A 312 -32.37 -32.29 11.59
CA HIS A 312 -31.23 -32.82 12.32
C HIS A 312 -31.13 -32.30 13.74
N LEU A 313 -31.90 -31.28 14.11
CA LEU A 313 -31.91 -30.79 15.47
C LEU A 313 -32.54 -31.84 16.39
N LYS A 314 -31.82 -32.19 17.45
CA LYS A 314 -32.27 -33.20 18.40
C LYS A 314 -32.57 -32.56 19.75
N ARG A 315 -33.50 -33.15 20.48
CA ARG A 315 -33.85 -32.64 21.80
C ARG A 315 -32.66 -32.77 22.74
N SER A 316 -32.40 -31.70 23.50
CA SER A 316 -31.27 -31.68 24.41
C SER A 316 -31.58 -30.74 25.56
N ALA A 317 -30.92 -30.99 26.69
CA ALA A 317 -31.06 -30.11 27.84
C ALA A 317 -30.38 -28.78 27.56
N PRO A 318 -30.82 -27.71 28.22
CA PRO A 318 -30.17 -26.41 28.03
C PRO A 318 -28.71 -26.46 28.43
N PHE A 319 -27.87 -25.77 27.64
CA PHE A 319 -26.44 -25.76 27.92
C PHE A 319 -26.17 -25.09 29.26
N THR A 320 -25.09 -25.52 29.91
CA THR A 320 -24.72 -25.00 31.21
C THR A 320 -23.84 -23.77 31.03
N PRO A 321 -24.29 -22.58 31.39
CA PRO A 321 -23.44 -21.39 31.23
C PRO A 321 -22.20 -21.48 32.11
N MET A 322 -21.09 -20.96 31.57
CA MET A 322 -19.83 -20.93 32.31
C MET A 322 -19.75 -19.63 33.11
N TYR A 323 -20.49 -19.62 34.21
CA TYR A 323 -20.55 -18.46 35.09
C TYR A 323 -19.20 -18.21 35.76
N CYS B 2 19.54 5.69 -5.39
CA CYS B 2 19.73 6.87 -6.22
C CYS B 2 18.67 6.98 -7.30
N SER B 3 18.24 8.21 -7.56
CA SER B 3 17.12 8.49 -8.45
C SER B 3 17.55 9.45 -9.54
N ARG B 4 17.22 9.13 -10.79
CA ARG B 4 17.49 9.98 -11.94
C ARG B 4 16.16 10.34 -12.59
N VAL B 5 15.86 11.64 -12.64
CA VAL B 5 14.59 12.14 -13.13
C VAL B 5 14.85 12.97 -14.38
N ILE B 6 13.97 12.83 -15.37
CA ILE B 6 14.03 13.61 -16.61
C ILE B 6 12.82 14.53 -16.64
N TYR B 7 13.08 15.83 -16.73
CA TYR B 7 12.03 16.84 -16.80
C TYR B 7 12.08 17.50 -18.16
N LYS B 8 10.99 17.38 -18.93
CA LYS B 8 10.86 18.03 -20.22
C LYS B 8 9.87 19.17 -20.09
N GLY B 9 10.37 20.40 -20.03
CA GLY B 9 9.53 21.57 -20.06
C GLY B 9 9.09 21.87 -21.48
N THR B 10 8.75 23.14 -21.71
CA THR B 10 8.36 23.60 -23.03
C THR B 10 9.54 24.26 -23.74
N ASP B 11 9.43 24.34 -25.06
CA ASP B 11 10.44 24.97 -25.93
C ASP B 11 11.79 24.25 -25.83
N SER B 12 11.74 22.92 -25.97
CA SER B 12 12.94 22.08 -26.04
C SER B 12 13.84 22.26 -24.82
N LEU B 13 13.22 22.39 -23.65
CA LEU B 13 13.94 22.54 -22.40
C LEU B 13 13.89 21.23 -21.63
N THR B 14 15.07 20.66 -21.36
CA THR B 14 15.18 19.37 -20.70
C THR B 14 16.12 19.48 -19.51
N VAL B 15 15.65 19.03 -18.35
CA VAL B 15 16.43 19.03 -17.11
C VAL B 15 16.50 17.61 -16.58
N VAL B 16 17.71 17.13 -16.33
CA VAL B 16 17.94 15.78 -15.84
C VAL B 16 18.39 15.86 -14.39
N GLY B 17 17.50 15.45 -13.47
CA GLY B 17 17.86 15.41 -12.07
C GLY B 17 18.54 14.11 -11.69
N ARG B 18 19.26 14.15 -10.58
CA ARG B 18 20.08 13.01 -10.17
C ARG B 18 20.49 13.22 -8.72
N SER B 19 20.23 12.20 -7.88
CA SER B 19 20.57 12.24 -6.47
C SER B 19 21.42 11.01 -6.13
N LEU B 20 22.50 11.23 -5.38
CA LEU B 20 23.38 10.15 -4.95
C LEU B 20 22.98 9.72 -3.54
N ASP B 21 22.55 8.48 -3.41
CA ASP B 21 22.17 7.89 -2.12
C ASP B 21 23.22 6.85 -1.74
N TRP B 22 23.86 7.05 -0.59
CA TRP B 22 24.86 6.12 -0.11
C TRP B 22 24.99 6.27 1.40
N LYS B 23 25.44 5.20 2.05
CA LYS B 23 25.53 5.19 3.51
C LYS B 23 26.55 6.21 4.00
N THR B 24 27.77 6.16 3.47
CA THR B 24 28.79 7.10 3.88
C THR B 24 28.94 8.22 2.87
N PRO B 25 29.38 9.40 3.30
CA PRO B 25 29.59 10.50 2.35
C PRO B 25 30.64 10.14 1.30
N ILE B 26 30.39 10.59 0.08
CA ILE B 26 31.29 10.32 -1.05
C ILE B 26 31.85 11.65 -1.54
N PRO B 27 33.14 11.90 -1.37
CA PRO B 27 33.71 13.19 -1.82
C PRO B 27 33.60 13.32 -3.33
N THR B 28 32.91 14.37 -3.77
CA THR B 28 32.68 14.64 -5.18
C THR B 28 33.06 16.08 -5.47
N ASN B 29 33.92 16.28 -6.48
CA ASN B 29 34.31 17.60 -6.92
C ASN B 29 34.00 17.76 -8.41
N LEU B 30 33.77 18.99 -8.82
CA LEU B 30 33.43 19.31 -10.21
C LEU B 30 34.68 19.70 -10.97
N TYR B 31 34.91 19.04 -12.11
CA TYR B 31 36.02 19.34 -12.99
C TYR B 31 35.49 19.76 -14.36
N VAL B 32 36.12 20.76 -14.95
CA VAL B 32 35.75 21.25 -16.28
C VAL B 32 36.91 20.94 -17.21
N TYR B 33 36.67 20.07 -18.19
CA TYR B 33 37.68 19.67 -19.15
C TYR B 33 37.41 20.30 -20.50
N PRO B 34 38.41 20.89 -21.15
CA PRO B 34 38.19 21.45 -22.49
C PRO B 34 38.39 20.41 -23.58
N ARG B 35 38.30 20.83 -24.84
CA ARG B 35 38.51 19.93 -25.96
C ARG B 35 40.00 19.62 -26.13
N GLY B 36 40.29 18.70 -27.05
CA GLY B 36 41.65 18.43 -27.44
C GLY B 36 42.51 17.71 -26.42
N MET B 37 41.93 17.13 -25.39
CA MET B 37 42.68 16.40 -24.39
C MET B 37 42.75 14.92 -24.76
N THR B 38 43.97 14.37 -24.76
CA THR B 38 44.18 12.96 -25.06
C THR B 38 44.20 12.17 -23.75
N LYS B 39 43.26 11.24 -23.62
CA LYS B 39 43.13 10.42 -22.42
C LYS B 39 43.29 8.95 -22.77
N LYS B 40 43.55 8.15 -21.74
CA LYS B 40 43.70 6.71 -21.88
C LYS B 40 42.52 5.99 -21.26
N SER B 41 42.16 4.85 -21.86
CA SER B 41 41.03 4.07 -21.35
C SER B 41 41.37 3.33 -20.06
N SER B 42 42.60 2.84 -19.94
CA SER B 42 43.03 2.10 -18.75
C SER B 42 44.55 2.10 -18.72
N ASP B 43 45.11 1.53 -17.65
CA ASP B 43 46.55 1.39 -17.50
C ASP B 43 47.04 0.00 -17.84
N ALA B 44 46.13 -0.93 -18.15
CA ALA B 44 46.51 -2.30 -18.46
C ALA B 44 46.98 -2.39 -19.92
N LYS B 45 47.60 -3.53 -20.24
CA LYS B 45 48.12 -3.75 -21.59
C LYS B 45 46.96 -3.89 -22.57
N GLY B 46 47.02 -3.12 -23.67
CA GLY B 46 45.99 -3.14 -24.68
C GLY B 46 45.05 -1.95 -24.65
N ALA B 47 45.27 -0.98 -23.76
CA ALA B 47 44.39 0.17 -23.66
C ALA B 47 44.56 1.09 -24.87
N PHE B 48 43.49 1.80 -25.20
CA PHE B 48 43.48 2.72 -26.32
C PHE B 48 43.36 4.16 -25.82
N GLU B 49 43.57 5.11 -26.74
CA GLU B 49 43.54 6.52 -26.43
C GLU B 49 42.52 7.24 -27.32
N TRP B 50 42.08 8.40 -26.85
CA TRP B 50 41.16 9.23 -27.60
C TRP B 50 41.39 10.69 -27.24
N THR B 51 41.16 11.57 -28.20
CA THR B 51 41.29 13.00 -28.00
C THR B 51 39.89 13.60 -27.88
N SER B 52 39.62 14.26 -26.75
CA SER B 52 38.28 14.74 -26.45
C SER B 52 37.80 15.73 -27.51
N THR B 53 36.67 15.39 -28.14
CA THR B 53 36.10 16.25 -29.17
C THR B 53 35.32 17.41 -28.56
N TYR B 54 34.63 17.16 -27.45
CA TYR B 54 33.79 18.15 -26.80
C TYR B 54 34.26 18.40 -25.37
N GLY B 55 34.09 19.65 -24.92
CA GLY B 55 34.34 19.96 -23.53
C GLY B 55 33.17 19.58 -22.65
N ALA B 56 33.48 19.17 -21.42
CA ALA B 56 32.46 18.65 -20.53
C ALA B 56 32.83 18.97 -19.08
N VAL B 57 31.80 19.00 -18.24
CA VAL B 57 31.96 19.12 -16.79
C VAL B 57 31.71 17.74 -16.18
N TYR B 58 32.60 17.33 -15.28
CA TYR B 58 32.52 16.02 -14.65
C TYR B 58 32.23 16.14 -13.17
N ALA B 59 31.44 15.21 -12.65
CA ALA B 59 31.21 15.06 -11.22
C ALA B 59 32.07 13.88 -10.76
N VAL B 60 33.33 14.15 -10.46
CA VAL B 60 34.31 13.10 -10.17
C VAL B 60 34.24 12.76 -8.69
N GLY B 61 33.96 11.50 -8.40
CA GLY B 61 33.96 11.02 -7.02
C GLY B 61 35.34 10.53 -6.62
N TYR B 62 35.74 10.88 -5.40
CA TYR B 62 37.06 10.58 -4.84
C TYR B 62 38.20 11.17 -5.67
N ASP B 63 37.89 12.07 -6.60
CA ASP B 63 38.88 12.63 -7.52
C ASP B 63 39.61 11.53 -8.30
N GLY B 64 38.88 10.46 -8.63
CA GLY B 64 39.46 9.34 -9.34
C GLY B 64 38.58 8.78 -10.44
N GLY B 65 37.27 8.86 -10.26
CA GLY B 65 36.35 8.33 -11.24
C GLY B 65 35.17 9.24 -11.54
N ILE B 66 34.75 9.28 -12.80
CA ILE B 66 33.66 10.16 -13.22
C ILE B 66 32.33 9.49 -12.90
N THR B 67 31.59 10.08 -11.96
CA THR B 67 30.26 9.56 -11.64
C THR B 67 29.25 9.95 -12.72
N GLU B 68 29.11 11.24 -13.00
CA GLU B 68 28.23 11.74 -14.03
C GLU B 68 28.91 12.93 -14.72
N GLY B 69 28.24 13.47 -15.73
CA GLY B 69 28.82 14.59 -16.45
C GLY B 69 27.88 15.11 -17.52
N MET B 70 28.26 16.25 -18.09
CA MET B 70 27.50 16.92 -19.13
C MET B 70 28.48 17.62 -20.07
N ASN B 71 28.34 17.39 -21.37
CA ASN B 71 29.21 18.01 -22.35
C ASN B 71 28.58 19.27 -22.93
N GLU B 72 29.38 19.99 -23.73
CA GLU B 72 28.95 21.25 -24.32
C GLU B 72 27.89 21.07 -25.40
N MET B 73 27.53 19.83 -25.76
CA MET B 73 26.46 19.57 -26.71
C MET B 73 25.12 19.31 -26.05
N GLY B 74 25.08 19.23 -24.73
CA GLY B 74 23.85 18.91 -24.02
C GLY B 74 23.65 17.44 -23.73
N LEU B 75 24.70 16.64 -23.82
CA LEU B 75 24.61 15.20 -23.56
C LEU B 75 24.94 14.93 -22.09
N VAL B 76 24.02 14.28 -21.38
CA VAL B 76 24.16 14.01 -19.96
C VAL B 76 24.16 12.50 -19.75
N ILE B 77 25.12 12.01 -18.97
CA ILE B 77 25.24 10.60 -18.65
C ILE B 77 25.40 10.49 -17.14
N ASN B 78 24.50 9.74 -16.50
CA ASN B 78 24.51 9.55 -15.06
C ASN B 78 24.73 8.07 -14.75
N GLY B 79 25.62 7.80 -13.80
CA GLY B 79 25.93 6.44 -13.41
C GLY B 79 25.26 6.07 -12.11
N LEU B 80 24.46 5.01 -12.15
CA LEU B 80 23.72 4.54 -10.99
C LEU B 80 24.05 3.08 -10.71
N PHE B 81 23.94 2.69 -9.44
CA PHE B 81 24.30 1.34 -9.04
C PHE B 81 23.23 0.34 -9.47
N CYS B 82 23.69 -0.85 -9.85
CA CYS B 82 22.80 -1.96 -10.19
C CYS B 82 23.49 -3.24 -9.71
N LYS B 83 22.92 -3.88 -8.70
CA LYS B 83 23.60 -4.96 -8.00
C LYS B 83 23.93 -6.12 -8.93
N GLY B 84 23.03 -6.44 -9.86
CA GLY B 84 23.21 -7.58 -10.73
C GLY B 84 23.94 -7.29 -12.03
N THR B 85 24.87 -6.34 -12.00
CA THR B 85 25.61 -5.96 -13.20
C THR B 85 26.88 -6.80 -13.31
N VAL B 86 27.02 -7.49 -14.44
CA VAL B 86 28.23 -8.24 -14.77
C VAL B 86 28.76 -7.69 -16.10
N TYR B 87 29.98 -7.16 -16.08
CA TYR B 87 30.46 -6.34 -17.19
C TYR B 87 31.02 -7.18 -18.34
N ASN B 88 31.66 -8.30 -18.06
CA ASN B 88 32.37 -9.05 -19.09
C ASN B 88 31.88 -10.49 -19.15
N ASN B 89 32.04 -11.10 -20.33
CA ASN B 89 31.75 -12.52 -20.52
C ASN B 89 32.96 -13.22 -21.13
N GLY B 90 32.71 -14.07 -22.12
CA GLY B 90 33.75 -14.82 -22.80
C GLY B 90 34.05 -14.29 -24.19
N ASP B 91 33.16 -13.45 -24.71
CA ASP B 91 33.39 -12.77 -25.98
C ASP B 91 34.01 -11.38 -25.80
N THR B 92 33.85 -10.77 -24.62
CA THR B 92 34.55 -9.54 -24.31
C THR B 92 36.00 -9.79 -23.92
N GLU B 93 36.36 -11.04 -23.63
CA GLU B 93 37.71 -11.41 -23.23
C GLU B 93 38.73 -11.01 -24.30
N GLY B 94 39.54 -9.99 -24.01
CA GLY B 94 40.55 -9.50 -24.92
C GLY B 94 40.26 -8.11 -25.46
N ARG B 95 38.99 -7.76 -25.62
CA ARG B 95 38.63 -6.43 -26.11
C ARG B 95 39.26 -5.36 -25.22
N PRO B 96 39.75 -4.27 -25.80
CA PRO B 96 40.58 -3.32 -25.07
C PRO B 96 39.97 -2.93 -23.74
N PRO B 97 40.78 -2.82 -22.70
CA PRO B 97 40.25 -2.52 -21.37
C PRO B 97 39.82 -1.07 -21.23
N MET B 98 38.63 -0.88 -20.66
CA MET B 98 38.06 0.45 -20.42
C MET B 98 37.70 0.54 -18.94
N SER B 99 38.41 1.41 -18.22
CA SER B 99 38.17 1.55 -16.79
C SER B 99 36.87 2.31 -16.53
N LEU B 100 36.21 1.95 -15.43
CA LEU B 100 34.98 2.65 -15.03
C LEU B 100 35.25 4.07 -14.57
N ALA B 101 36.51 4.43 -14.32
CA ALA B 101 36.84 5.78 -13.89
C ALA B 101 36.75 6.79 -15.02
N VAL B 102 36.84 6.35 -16.27
CA VAL B 102 36.82 7.26 -17.42
C VAL B 102 35.80 6.78 -18.44
N PHE B 103 34.98 5.79 -18.06
CA PHE B 103 33.99 5.27 -19.00
C PHE B 103 32.93 6.30 -19.32
N VAL B 104 32.46 7.03 -18.31
CA VAL B 104 31.46 8.06 -18.55
C VAL B 104 32.05 9.21 -19.36
N GLY B 105 33.31 9.54 -19.11
CA GLY B 105 33.94 10.63 -19.84
C GLY B 105 34.23 10.30 -21.30
N TRP B 106 34.55 9.03 -21.59
CA TRP B 106 34.83 8.64 -22.96
C TRP B 106 33.59 8.75 -23.84
N LEU B 107 32.42 8.43 -23.28
CA LEU B 107 31.18 8.61 -24.03
C LEU B 107 30.78 10.07 -24.13
N LEU B 108 31.20 10.90 -23.18
CA LEU B 108 30.87 12.31 -23.20
C LEU B 108 31.83 13.11 -24.06
N ASP B 109 33.09 12.69 -24.13
CA ASP B 109 34.09 13.43 -24.90
C ASP B 109 33.94 13.22 -26.41
N MET B 110 33.48 12.04 -26.83
CA MET B 110 33.48 11.68 -28.24
C MET B 110 32.10 11.70 -28.87
N ASN B 111 31.03 11.84 -28.10
CA ASN B 111 29.68 11.80 -28.62
C ASN B 111 28.94 13.09 -28.29
N ALA B 112 28.04 13.48 -29.18
CA ALA B 112 27.22 14.67 -29.01
C ALA B 112 25.76 14.36 -28.71
N THR B 113 25.21 13.30 -29.28
CA THR B 113 23.82 12.90 -29.09
C THR B 113 23.75 11.55 -28.40
N THR B 114 22.54 11.21 -27.93
CA THR B 114 22.33 9.91 -27.31
C THR B 114 22.49 8.79 -28.32
N GLN B 115 22.07 9.02 -29.56
CA GLN B 115 22.20 8.00 -30.60
C GLN B 115 23.66 7.68 -30.90
N GLN B 116 24.54 8.68 -30.82
CA GLN B 116 25.96 8.42 -31.03
C GLN B 116 26.54 7.53 -29.94
N CYS B 117 26.07 7.71 -28.70
CA CYS B 117 26.46 6.80 -27.63
C CYS B 117 25.94 5.40 -27.87
N VAL B 118 24.76 5.28 -28.47
CA VAL B 118 24.19 3.96 -28.76
C VAL B 118 25.00 3.28 -29.86
N ASP B 119 25.42 4.03 -30.88
CA ASP B 119 26.18 3.44 -31.98
C ASP B 119 27.53 2.94 -31.51
N VAL B 120 28.17 3.65 -30.58
CA VAL B 120 29.48 3.24 -30.10
C VAL B 120 29.35 2.05 -29.14
N LEU B 121 28.36 2.07 -28.25
CA LEU B 121 28.19 0.97 -27.32
C LEU B 121 27.75 -0.31 -28.02
N LYS B 122 26.99 -0.19 -29.12
CA LYS B 122 26.56 -1.37 -29.85
C LYS B 122 27.73 -2.13 -30.43
N GLU B 123 28.80 -1.42 -30.81
CA GLU B 123 30.01 -2.10 -31.28
C GLU B 123 30.63 -2.95 -30.18
N HIS B 124 30.65 -2.42 -28.95
CA HIS B 124 31.16 -3.13 -27.78
C HIS B 124 32.58 -3.64 -28.02
N ASN B 125 33.42 -2.77 -28.54
CA ASN B 125 34.83 -3.10 -28.79
C ASN B 125 35.70 -2.75 -27.58
N PHE B 126 35.30 -3.23 -26.41
CA PHE B 126 36.05 -2.94 -25.18
C PHE B 126 35.59 -3.87 -24.07
N SER B 127 36.42 -3.98 -23.04
CA SER B 127 36.07 -4.65 -21.80
C SER B 127 36.08 -3.62 -20.66
N ILE B 128 35.44 -3.98 -19.56
CA ILE B 128 35.26 -3.07 -18.43
C ILE B 128 36.02 -3.63 -17.23
N GLY B 129 36.83 -2.80 -16.61
CA GLY B 129 37.60 -3.19 -15.44
C GLY B 129 37.54 -2.19 -14.31
N VAL B 138 32.04 -3.83 -5.39
CA VAL B 138 32.06 -3.81 -6.85
C VAL B 138 31.36 -2.55 -7.36
N SER B 139 31.96 -1.90 -8.36
CA SER B 139 31.33 -0.75 -8.99
C SER B 139 30.34 -1.21 -10.06
N ALA B 140 29.45 -2.12 -9.69
CA ALA B 140 28.41 -2.59 -10.61
C ALA B 140 27.41 -1.47 -10.85
N LEU B 141 27.42 -0.90 -12.05
CA LEU B 141 26.65 0.30 -12.34
C LEU B 141 25.93 0.16 -13.68
N HIS B 142 24.83 0.91 -13.81
CA HIS B 142 24.12 1.07 -15.06
C HIS B 142 23.87 2.55 -15.30
N TRP B 143 23.78 2.94 -16.56
CA TRP B 143 23.84 4.35 -16.94
C TRP B 143 22.58 4.77 -17.68
N GLY B 144 22.24 6.05 -17.53
CA GLY B 144 21.19 6.68 -18.29
C GLY B 144 21.71 7.87 -19.07
N ILE B 145 21.51 7.86 -20.38
CA ILE B 145 22.11 8.85 -21.28
C ILE B 145 20.98 9.63 -21.95
N THR B 146 21.03 10.95 -21.81
CA THR B 146 20.04 11.85 -22.41
C THR B 146 20.75 12.99 -23.12
N ASP B 147 20.30 13.30 -24.33
CA ASP B 147 20.81 14.42 -25.11
C ASP B 147 19.84 15.59 -25.10
N SER B 148 20.28 16.71 -25.68
CA SER B 148 19.51 17.95 -25.63
C SER B 148 18.14 17.83 -26.28
N THR B 149 17.94 16.87 -27.18
CA THR B 149 16.64 16.69 -27.82
C THR B 149 15.65 15.94 -26.96
N GLY B 150 16.08 15.41 -25.81
CA GLY B 150 15.21 14.67 -24.93
C GLY B 150 15.29 13.16 -25.09
N HIS B 151 15.99 12.67 -26.11
CA HIS B 151 16.15 11.24 -26.31
C HIS B 151 16.96 10.66 -25.16
N SER B 152 16.41 9.65 -24.48
CA SER B 152 17.05 9.04 -23.33
C SER B 152 17.01 7.52 -23.45
N VAL B 153 18.10 6.88 -23.04
CA VAL B 153 18.22 5.42 -23.06
C VAL B 153 18.84 4.95 -21.75
N VAL B 154 18.63 3.67 -21.45
CA VAL B 154 19.21 3.01 -20.29
C VAL B 154 20.19 1.95 -20.78
N VAL B 155 21.40 1.97 -20.22
CA VAL B 155 22.45 1.03 -20.60
C VAL B 155 22.72 0.12 -19.40
N GLU B 156 22.57 -1.19 -19.61
CA GLU B 156 22.79 -2.18 -18.57
C GLU B 156 23.64 -3.32 -19.11
N PHE B 157 24.45 -3.90 -18.23
CA PHE B 157 25.32 -5.01 -18.57
C PHE B 157 24.71 -6.29 -18.00
N ASP B 158 24.29 -7.20 -18.89
CA ASP B 158 23.69 -8.48 -18.50
C ASP B 158 24.68 -9.58 -18.85
N HIS B 159 25.64 -9.81 -17.95
CA HIS B 159 26.69 -10.82 -18.13
C HIS B 159 27.45 -10.58 -19.44
N GLY B 160 28.16 -9.46 -19.46
CA GLY B 160 28.95 -9.10 -20.62
C GLY B 160 28.15 -8.73 -21.85
N ASP B 161 26.83 -8.55 -21.72
CA ASP B 161 25.97 -8.21 -22.84
C ASP B 161 25.37 -6.83 -22.59
N ILE B 162 25.73 -5.86 -23.42
CA ILE B 162 25.21 -4.50 -23.30
C ILE B 162 23.74 -4.52 -23.74
N ARG B 163 22.83 -4.26 -22.80
CA ARG B 163 21.41 -4.19 -23.08
C ARG B 163 20.99 -2.72 -23.01
N ILE B 164 20.56 -2.17 -24.14
CA ILE B 164 20.14 -0.78 -24.25
C ILE B 164 18.63 -0.74 -24.37
N TYR B 165 17.99 0.13 -23.59
CA TYR B 165 16.54 0.26 -23.57
C TYR B 165 16.15 1.71 -23.84
N GLU B 166 15.09 1.90 -24.60
CA GLU B 166 14.55 3.23 -24.88
C GLU B 166 13.59 3.63 -23.75
N MET B 167 13.91 4.73 -23.07
CA MET B 167 13.06 5.17 -21.97
C MET B 167 11.69 5.63 -22.46
N GLY B 168 11.62 6.17 -23.69
CA GLY B 168 10.36 6.60 -24.26
C GLY B 168 9.58 7.57 -23.40
N GLU B 169 8.48 7.10 -22.82
CA GLU B 169 7.66 7.93 -21.95
C GLU B 169 8.06 7.82 -20.49
N TYR B 170 8.90 6.85 -20.13
CA TYR B 170 9.36 6.75 -18.75
C TYR B 170 10.30 7.91 -18.42
N ARG B 171 10.23 8.37 -17.16
CA ARG B 171 10.97 9.55 -16.74
C ARG B 171 11.95 9.29 -15.61
N ALA B 172 11.76 8.22 -14.83
CA ALA B 172 12.61 7.94 -13.69
C ALA B 172 13.48 6.71 -13.96
N MET B 173 14.53 6.59 -13.16
CA MET B 173 15.49 5.50 -13.32
C MET B 173 16.27 5.38 -12.02
N THR B 174 16.11 4.27 -11.31
CA THR B 174 16.80 4.08 -10.04
C THR B 174 17.76 2.89 -10.13
N ASN B 175 17.90 2.15 -9.03
CA ASN B 175 18.83 1.02 -8.98
C ASN B 175 18.16 -0.26 -9.47
N ASP B 176 18.14 -1.28 -8.62
CA ASP B 176 17.57 -2.58 -8.96
C ASP B 176 16.04 -2.54 -8.91
N PRO B 177 15.37 -3.41 -9.66
CA PRO B 177 15.91 -4.46 -10.56
C PRO B 177 16.29 -3.91 -11.93
N ASN B 178 16.42 -4.77 -12.93
CA ASN B 178 16.74 -4.32 -14.27
C ASN B 178 15.58 -3.49 -14.84
N TRP B 179 15.84 -2.87 -15.99
CA TRP B 179 14.83 -2.00 -16.59
C TRP B 179 13.54 -2.72 -16.97
N PRO B 180 13.57 -3.91 -17.58
CA PRO B 180 12.28 -4.58 -17.88
C PRO B 180 11.43 -4.84 -16.64
N ALA B 181 12.03 -5.38 -15.58
CA ALA B 181 11.26 -5.59 -14.35
C ALA B 181 10.89 -4.27 -13.68
N MET B 182 11.69 -3.22 -13.90
CA MET B 182 11.36 -1.91 -13.34
C MET B 182 10.16 -1.30 -14.08
N THR B 183 10.13 -1.43 -15.40
CA THR B 183 9.00 -0.92 -16.17
C THR B 183 7.71 -1.64 -15.80
N ALA B 184 7.79 -2.93 -15.48
CA ALA B 184 6.60 -3.67 -15.06
C ALA B 184 6.05 -3.15 -13.74
N ILE B 185 6.94 -2.84 -12.80
CA ILE B 185 6.51 -2.29 -11.51
C ILE B 185 5.95 -0.88 -11.71
N ILE B 186 6.54 -0.12 -12.63
CA ILE B 186 6.03 1.22 -12.91
C ILE B 186 4.65 1.14 -13.56
N ASP B 187 4.48 0.23 -14.52
CA ASP B 187 3.17 0.09 -15.17
C ASP B 187 2.13 -0.48 -14.21
N TYR B 188 2.55 -1.34 -13.28
CA TYR B 188 1.61 -1.89 -12.30
C TYR B 188 1.04 -0.79 -11.41
N TRP B 189 1.90 0.10 -10.92
CA TRP B 189 1.45 1.20 -10.09
C TRP B 189 0.73 2.27 -10.90
N ASP B 190 0.99 2.36 -12.21
CA ASP B 190 0.29 3.34 -13.04
C ASP B 190 -1.18 3.03 -13.14
N LYS B 191 -1.54 1.74 -13.25
CA LYS B 191 -2.94 1.37 -13.27
C LYS B 191 -3.60 1.61 -11.92
N ILE B 192 -2.85 1.49 -10.82
CA ILE B 192 -3.38 1.78 -9.50
C ILE B 192 -3.76 3.25 -9.40
N GLY B 193 -2.94 4.13 -9.98
CA GLY B 193 -3.21 5.55 -9.92
C GLY B 193 -2.32 6.27 -8.93
N GLY B 194 -1.40 7.10 -9.42
CA GLY B 194 -0.54 7.85 -8.53
C GLY B 194 -1.30 8.84 -7.66
N GLN B 195 -2.41 9.36 -8.17
CA GLN B 195 -3.26 10.24 -7.37
C GLN B 195 -3.96 9.49 -6.25
N ASN B 196 -4.15 8.18 -6.40
CA ASN B 196 -4.82 7.38 -5.38
C ASN B 196 -3.83 6.77 -4.40
N MET B 197 -2.75 6.16 -4.89
CA MET B 197 -1.79 5.51 -4.02
C MET B 197 -0.43 5.44 -4.72
N LEU B 198 0.62 5.66 -3.94
CA LEU B 198 2.01 5.54 -4.37
C LEU B 198 2.81 4.88 -3.27
N PRO B 199 3.87 4.14 -3.61
CA PRO B 199 4.74 3.58 -2.58
C PRO B 199 5.64 4.66 -1.98
N GLY B 200 5.59 4.80 -0.67
CA GLY B 200 6.33 5.85 0.00
C GLY B 200 7.58 5.38 0.74
N GLY B 201 8.18 4.30 0.26
CA GLY B 201 9.39 3.78 0.84
C GLY B 201 10.64 4.37 0.21
N VAL B 202 11.79 3.91 0.71
CA VAL B 202 13.08 4.34 0.18
C VAL B 202 13.69 3.33 -0.78
N THR B 203 12.98 2.24 -1.08
CA THR B 203 13.50 1.24 -1.99
C THR B 203 13.58 1.81 -3.40
N SER B 204 14.37 1.15 -4.25
CA SER B 204 14.58 1.63 -5.61
C SER B 204 13.32 1.63 -6.46
N PRO B 205 12.46 0.59 -6.44
CA PRO B 205 11.20 0.71 -7.20
C PRO B 205 10.28 1.79 -6.67
N SER B 206 10.18 1.94 -5.35
CA SER B 206 9.30 2.95 -4.78
C SER B 206 9.73 4.36 -5.19
N ARG B 207 11.02 4.65 -5.07
CA ARG B 207 11.53 5.94 -5.49
C ARG B 207 11.37 6.15 -6.99
N CYS B 208 11.41 5.07 -7.76
CA CYS B 208 11.26 5.18 -9.20
C CYS B 208 9.82 5.44 -9.61
N VAL B 209 8.88 4.82 -8.90
CA VAL B 209 7.46 5.02 -9.23
C VAL B 209 7.02 6.43 -8.88
N ARG B 210 7.48 6.95 -7.74
CA ARG B 210 7.11 8.30 -7.33
C ARG B 210 7.69 9.34 -8.28
N ALA B 211 9.00 9.27 -8.53
CA ALA B 211 9.64 10.26 -9.38
C ALA B 211 9.15 10.19 -10.82
N ASN B 212 8.73 9.01 -11.27
CA ASN B 212 8.15 8.90 -12.61
C ASN B 212 6.76 9.51 -12.68
N TYR B 213 5.98 9.34 -11.61
CA TYR B 213 4.64 9.91 -11.58
C TYR B 213 4.69 11.43 -11.50
N PHE B 214 5.45 11.97 -10.56
CA PHE B 214 5.51 13.42 -10.39
C PHE B 214 6.12 14.12 -11.60
N ALA B 215 7.01 13.44 -12.32
CA ALA B 215 7.60 14.05 -13.52
C ALA B 215 6.55 14.28 -14.60
N HIS B 216 5.48 13.49 -14.61
CA HIS B 216 4.41 13.65 -15.58
C HIS B 216 3.35 14.65 -15.13
N HIS B 217 3.18 14.86 -13.83
CA HIS B 217 2.08 15.64 -13.29
C HIS B 217 2.53 16.97 -12.70
N VAL B 218 3.61 17.54 -13.25
CA VAL B 218 4.03 18.90 -12.93
C VAL B 218 3.92 19.74 -14.19
N LYS B 219 3.74 21.04 -14.01
CA LYS B 219 3.50 21.92 -15.14
C LYS B 219 4.79 22.12 -15.93
N PRO B 220 4.76 21.92 -17.26
CA PRO B 220 5.93 22.22 -18.08
C PRO B 220 6.09 23.72 -18.29
N THR B 221 7.34 24.17 -18.33
CA THR B 221 7.63 25.59 -18.45
C THR B 221 8.85 25.79 -19.33
N ALA B 222 8.90 26.96 -19.97
CA ALA B 222 10.06 27.37 -20.75
C ALA B 222 11.09 28.14 -19.93
N ASP B 223 10.77 28.48 -18.69
CA ASP B 223 11.70 29.16 -17.81
C ASP B 223 12.80 28.19 -17.41
N PRO B 224 14.07 28.48 -17.72
CA PRO B 224 15.14 27.55 -17.30
C PRO B 224 15.29 27.45 -15.80
N ASP B 225 15.11 28.55 -15.07
CA ASP B 225 15.27 28.51 -13.63
C ASP B 225 14.12 27.78 -12.96
N LEU B 226 12.88 28.03 -13.41
CA LEU B 226 11.73 27.34 -12.85
C LEU B 226 11.78 25.84 -13.13
N ALA B 227 12.28 25.47 -14.31
CA ALA B 227 12.41 24.05 -14.65
C ALA B 227 13.33 23.34 -13.67
N VAL B 228 14.40 24.01 -13.25
CA VAL B 228 15.30 23.41 -12.27
C VAL B 228 14.63 23.30 -10.91
N SER B 229 13.89 24.34 -10.51
CA SER B 229 13.19 24.31 -9.23
C SER B 229 12.16 23.18 -9.18
N ILE B 230 11.51 22.88 -10.32
CA ILE B 230 10.55 21.79 -10.35
C ILE B 230 11.27 20.45 -10.26
N THR B 231 12.37 20.29 -11.00
CA THR B 231 13.14 19.05 -10.93
C THR B 231 13.72 18.83 -9.53
N ARG B 232 14.05 19.92 -8.82
CA ARG B 232 14.54 19.78 -7.46
C ARG B 232 13.46 19.21 -6.54
N SER B 233 12.22 19.66 -6.71
CA SER B 233 11.13 19.18 -5.85
C SER B 233 10.82 17.71 -6.12
N ILE B 234 10.94 17.25 -7.36
CA ILE B 234 10.72 15.85 -7.67
C ILE B 234 11.82 14.99 -7.04
N VAL B 235 13.08 15.42 -7.21
CA VAL B 235 14.19 14.66 -6.65
C VAL B 235 14.18 14.73 -5.13
N ALA B 236 13.70 15.84 -4.55
CA ALA B 236 13.65 15.96 -3.10
C ALA B 236 12.70 14.95 -2.49
N ASP B 237 11.55 14.72 -3.14
CA ASP B 237 10.61 13.71 -2.64
C ASP B 237 11.18 12.31 -2.77
N ALA B 238 11.87 12.02 -3.87
CA ALA B 238 12.50 10.72 -4.06
C ALA B 238 13.82 10.59 -3.31
N SER B 239 14.26 11.62 -2.60
CA SER B 239 15.50 11.56 -1.84
C SER B 239 15.26 10.86 -0.51
N VAL B 240 16.22 10.06 -0.09
CA VAL B 240 16.15 9.37 1.20
C VAL B 240 16.59 10.34 2.29
N PRO B 241 15.85 10.46 3.39
CA PRO B 241 16.23 11.40 4.44
C PRO B 241 17.63 11.13 4.97
N TYR B 242 18.34 12.22 5.27
CA TYR B 242 19.73 12.12 5.70
C TYR B 242 19.82 11.42 7.06
N THR B 243 20.87 10.62 7.23
CA THR B 243 21.10 9.81 8.43
C THR B 243 19.96 8.82 8.68
N TYR B 244 19.37 8.29 7.61
CA TYR B 244 18.32 7.28 7.75
C TYR B 244 18.92 6.00 8.31
N MET B 245 18.67 5.72 9.58
CA MET B 245 19.17 4.54 10.25
C MET B 245 18.02 3.72 10.82
N ILE B 246 18.29 2.44 11.07
CA ILE B 246 17.30 1.54 11.64
C ILE B 246 17.99 0.37 12.32
N ASN B 251 23.04 -0.14 2.93
CA ASN B 251 23.12 -0.05 1.48
C ASN B 251 22.92 1.38 1.00
N LEU B 252 22.14 1.56 -0.07
CA LEU B 252 21.83 2.88 -0.58
C LEU B 252 20.98 3.64 0.44
N SER B 253 21.64 4.38 1.33
CA SER B 253 20.93 5.05 2.42
C SER B 253 20.75 6.54 2.15
N SER B 254 21.42 7.37 2.95
CA SER B 254 21.17 8.80 2.92
C SER B 254 21.56 9.42 1.58
N THR B 255 20.74 10.36 1.12
CA THR B 255 21.07 11.14 -0.07
C THR B 255 22.19 12.10 0.27
N GLN B 256 23.34 11.94 -0.39
CA GLN B 256 24.50 12.76 -0.09
C GLN B 256 24.50 14.08 -0.85
N TRP B 257 24.19 14.05 -2.15
CA TRP B 257 24.11 15.27 -2.94
C TRP B 257 23.16 15.05 -4.11
N ARG B 258 22.78 16.15 -4.75
CA ARG B 258 21.91 16.12 -5.92
C ARG B 258 22.48 17.03 -7.00
N SER B 259 22.26 16.64 -8.26
CA SER B 259 22.72 17.41 -9.40
C SER B 259 21.60 17.55 -10.41
N PHE B 260 21.57 18.69 -11.09
CA PHE B 260 20.54 18.98 -12.08
C PHE B 260 21.20 19.63 -13.29
N ALA B 261 21.02 19.03 -14.46
CA ALA B 261 21.66 19.47 -15.69
C ALA B 261 20.62 20.14 -16.59
N ASP B 262 20.87 21.40 -16.94
CA ASP B 262 20.04 22.12 -17.90
C ASP B 262 20.62 21.90 -19.29
N LEU B 263 19.96 21.06 -20.08
CA LEU B 263 20.55 20.62 -21.35
C LEU B 263 20.52 21.71 -22.41
N LYS B 264 19.48 22.55 -22.41
CA LYS B 264 19.37 23.59 -23.42
C LYS B 264 20.36 24.72 -23.15
N ASN B 265 20.41 25.20 -21.90
CA ASN B 265 21.24 26.32 -21.52
C ASN B 265 22.63 25.92 -21.08
N LEU B 266 22.93 24.61 -21.03
CA LEU B 266 24.25 24.10 -20.67
C LEU B 266 24.69 24.56 -19.28
N ARG B 267 23.83 24.31 -18.30
CA ARG B 267 24.11 24.59 -16.90
C ARG B 267 24.03 23.31 -16.10
N TYR B 268 25.01 23.09 -15.22
CA TYR B 268 25.09 21.88 -14.40
C TYR B 268 24.99 22.28 -12.93
N TYR B 269 23.80 22.12 -12.36
CA TYR B 269 23.58 22.46 -10.96
C TYR B 269 24.13 21.37 -10.05
N PHE B 270 24.43 21.76 -8.81
CA PHE B 270 25.03 20.87 -7.84
C PHE B 270 24.80 21.44 -6.45
N ASP B 271 24.47 20.57 -5.50
CA ASP B 271 24.29 20.99 -4.12
C ASP B 271 24.50 19.80 -3.19
N ILE B 272 25.15 20.06 -2.06
CA ILE B 272 25.30 19.09 -1.00
C ILE B 272 24.12 19.26 -0.05
N VAL B 273 23.53 18.14 0.37
CA VAL B 273 22.32 18.19 1.18
C VAL B 273 22.55 18.92 2.49
N THR B 274 23.78 18.88 3.01
CA THR B 274 24.10 19.59 4.24
C THR B 274 24.52 21.03 4.00
N ASP B 275 24.84 21.40 2.75
CA ASP B 275 25.19 22.77 2.44
C ASP B 275 23.94 23.65 2.46
N SER B 276 24.16 24.97 2.43
CA SER B 276 23.08 25.94 2.54
C SER B 276 22.71 26.58 1.22
N GLY B 277 23.36 26.22 0.13
CA GLY B 277 23.07 26.83 -1.16
C GLY B 277 23.30 25.85 -2.30
N ILE B 278 22.57 26.07 -3.39
CA ILE B 278 22.71 25.29 -4.61
C ILE B 278 23.30 26.20 -5.68
N TYR B 279 24.35 25.71 -6.35
CA TYR B 279 25.05 26.47 -7.38
C TYR B 279 25.13 25.65 -8.65
N TYR B 280 25.56 26.30 -9.73
CA TYR B 280 25.65 25.66 -11.03
C TYR B 280 26.88 26.15 -11.77
N VAL B 281 27.34 25.33 -12.71
CA VAL B 281 28.48 25.64 -13.57
C VAL B 281 27.95 25.86 -14.98
N ASP B 282 28.17 27.06 -15.52
CA ASP B 282 27.69 27.42 -16.84
C ASP B 282 28.78 27.15 -17.86
N LEU B 283 28.52 26.23 -18.80
CA LEU B 283 29.52 25.87 -19.80
C LEU B 283 29.62 26.87 -20.92
N THR B 284 28.58 27.68 -21.16
CA THR B 284 28.64 28.68 -22.21
C THR B 284 29.52 29.86 -21.85
N ARG B 285 29.84 30.04 -20.57
CA ARG B 285 30.67 31.15 -20.10
C ARG B 285 32.09 30.71 -19.76
N LEU B 286 32.56 29.61 -20.33
CA LEU B 286 33.89 29.10 -20.06
C LEU B 286 34.63 28.86 -21.38
N ASP B 287 35.96 28.95 -21.31
CA ASP B 287 36.82 28.74 -22.47
C ASP B 287 36.98 27.25 -22.68
N LEU B 288 36.26 26.69 -23.66
CA LEU B 288 36.29 25.26 -23.93
C LEU B 288 37.14 24.91 -25.14
N TYR B 289 37.96 25.84 -25.62
CA TYR B 289 38.84 25.57 -26.75
C TYR B 289 39.94 24.60 -26.34
N PRO B 290 40.52 23.89 -27.31
CA PRO B 290 41.63 22.97 -26.99
C PRO B 290 42.79 23.73 -26.36
N GLY B 291 43.45 23.06 -25.42
CA GLY B 291 44.56 23.65 -24.69
C GLY B 291 44.18 24.51 -23.50
N ALA B 292 42.88 24.75 -23.28
CA ALA B 292 42.44 25.53 -22.14
C ALA B 292 42.79 24.81 -20.85
N PRO B 293 42.94 25.55 -19.75
CA PRO B 293 43.29 24.91 -18.47
C PRO B 293 42.11 24.17 -17.86
N VAL B 294 42.44 23.09 -17.16
CA VAL B 294 41.43 22.30 -16.47
C VAL B 294 41.03 23.03 -15.19
N LEU B 295 39.72 23.22 -15.01
CA LEU B 295 39.18 23.94 -13.86
C LEU B 295 38.55 22.96 -12.89
N LYS B 296 38.70 23.24 -11.60
CA LYS B 296 38.18 22.39 -10.53
C LYS B 296 37.40 23.23 -9.55
N LEU B 297 36.27 22.69 -9.08
CA LEU B 297 35.45 23.32 -8.06
C LEU B 297 35.41 22.39 -6.85
N ASP B 298 36.12 22.78 -5.78
CA ASP B 298 36.15 22.00 -4.56
C ASP B 298 34.84 22.20 -3.81
N THR B 299 34.02 21.14 -3.73
CA THR B 299 32.73 21.22 -3.07
C THR B 299 32.84 21.27 -1.55
N SER B 300 34.02 20.99 -0.99
CA SER B 300 34.20 21.09 0.45
C SER B 300 34.50 22.51 0.89
N LYS B 301 35.16 23.30 0.03
CA LYS B 301 35.44 24.69 0.37
C LYS B 301 34.20 25.56 0.19
N ALA B 302 33.54 25.45 -0.96
CA ALA B 302 32.31 26.21 -1.21
C ALA B 302 31.18 25.62 -0.40
N THR B 303 30.77 26.33 0.65
CA THR B 303 29.69 25.89 1.53
C THR B 303 28.45 26.76 1.47
N ASN B 304 28.60 28.06 1.28
CA ASN B 304 27.48 28.99 1.21
C ASN B 304 27.41 29.67 -0.16
N LEU B 305 27.61 28.90 -1.22
CA LEU B 305 27.63 29.43 -2.57
C LEU B 305 26.30 29.17 -3.27
N THR B 306 25.80 30.16 -3.99
CA THR B 306 24.59 30.06 -4.79
C THR B 306 24.85 30.65 -6.17
N GLY B 307 23.82 30.60 -7.01
CA GLY B 307 23.89 31.16 -8.34
C GLY B 307 24.96 30.48 -9.17
N CYS B 308 25.50 31.23 -10.13
CA CYS B 308 26.54 30.71 -10.99
C CYS B 308 27.82 30.49 -10.20
N ALA B 309 28.35 29.26 -10.26
CA ALA B 309 29.56 28.90 -9.53
C ALA B 309 30.80 28.92 -10.41
N ASN B 310 30.71 29.49 -11.61
CA ASN B 310 31.88 29.62 -12.46
C ASN B 310 32.96 30.48 -11.81
N SER B 311 32.62 31.24 -10.77
CA SER B 311 33.57 32.12 -10.11
C SER B 311 34.61 31.33 -9.33
N HIS B 312 34.16 30.46 -8.43
CA HIS B 312 35.07 29.69 -7.58
C HIS B 312 35.79 28.58 -8.33
N LEU B 313 35.67 28.51 -9.66
CA LEU B 313 36.40 27.54 -10.46
C LEU B 313 37.86 27.97 -10.54
N LYS B 314 38.75 27.18 -9.96
CA LYS B 314 40.18 27.44 -9.96
C LYS B 314 40.90 26.46 -10.85
N ARG B 315 42.06 26.87 -11.35
CA ARG B 315 42.83 26.04 -12.27
C ARG B 315 43.48 24.88 -11.52
N SER B 316 43.23 23.67 -12.00
CA SER B 316 43.83 22.47 -11.42
C SER B 316 44.36 21.57 -12.51
N ALA B 317 44.82 20.38 -12.14
CA ALA B 317 45.39 19.41 -13.06
C ALA B 317 44.42 18.26 -13.31
N PRO B 318 44.52 17.60 -14.46
CA PRO B 318 43.67 16.43 -14.74
C PRO B 318 43.70 15.42 -13.60
N PHE B 319 42.51 14.98 -13.18
CA PHE B 319 42.43 14.03 -12.07
C PHE B 319 43.08 12.71 -12.47
N THR B 320 43.63 12.02 -11.47
CA THR B 320 44.38 10.79 -11.70
C THR B 320 43.48 9.60 -11.51
N PRO B 321 43.24 8.78 -12.56
CA PRO B 321 42.43 7.56 -12.48
C PRO B 321 42.99 6.55 -11.47
N CYS C 2 -0.06 21.76 4.49
CA CYS C 2 1.02 21.90 5.46
C CYS C 2 1.54 20.56 6.00
N SER C 3 2.81 20.57 6.37
CA SER C 3 3.46 19.44 7.03
C SER C 3 4.39 20.00 8.09
N ARG C 4 4.10 19.69 9.35
CA ARG C 4 4.87 20.19 10.49
C ARG C 4 5.55 19.01 11.17
N VAL C 5 6.87 19.07 11.29
CA VAL C 5 7.68 17.99 11.84
C VAL C 5 8.42 18.51 13.06
N ILE C 6 8.54 17.66 14.07
CA ILE C 6 9.29 17.99 15.30
C ILE C 6 10.49 17.06 15.38
N TYR C 7 11.68 17.64 15.38
CA TYR C 7 12.92 16.88 15.51
C TYR C 7 13.54 17.20 16.86
N LYS C 8 13.71 16.16 17.69
CA LYS C 8 14.33 16.30 19.00
C LYS C 8 15.71 15.64 18.96
N GLY C 9 16.75 16.45 18.79
CA GLY C 9 18.11 15.98 18.88
C GLY C 9 18.54 15.80 20.32
N THR C 10 19.84 15.61 20.50
CA THR C 10 20.41 15.45 21.83
C THR C 10 20.72 16.82 22.43
N ASP C 11 20.95 16.81 23.75
CA ASP C 11 21.30 18.02 24.50
C ASP C 11 20.20 19.08 24.41
N SER C 12 18.95 18.65 24.56
CA SER C 12 17.78 19.53 24.58
C SER C 12 17.62 20.35 23.30
N LEU C 13 18.25 19.91 22.21
CA LEU C 13 18.11 20.61 20.93
C LEU C 13 16.83 20.15 20.24
N THR C 14 15.97 21.10 19.89
CA THR C 14 14.70 20.81 19.26
C THR C 14 14.53 21.70 18.03
N VAL C 15 14.18 21.09 16.90
CA VAL C 15 13.94 21.80 15.65
C VAL C 15 12.54 21.47 15.17
N VAL C 16 11.81 22.50 14.74
CA VAL C 16 10.44 22.36 14.27
C VAL C 16 10.41 22.75 12.79
N GLY C 17 10.18 21.77 11.93
CA GLY C 17 10.02 22.04 10.51
C GLY C 17 8.57 22.30 10.15
N ARG C 18 8.38 22.96 9.00
CA ARG C 18 7.05 23.37 8.57
C ARG C 18 7.06 23.80 7.11
N SER C 19 6.19 23.22 6.29
CA SER C 19 6.10 23.53 4.87
C SER C 19 4.72 24.03 4.52
N LEU C 20 4.65 25.03 3.64
CA LEU C 20 3.39 25.61 3.21
C LEU C 20 3.03 25.07 1.83
N ASP C 21 1.85 24.47 1.71
CA ASP C 21 1.37 23.87 0.47
C ASP C 21 0.10 24.58 0.04
N TRP C 22 0.14 25.26 -1.11
CA TRP C 22 -1.04 25.94 -1.61
C TRP C 22 -1.00 26.00 -3.12
N LYS C 23 -2.19 26.12 -3.72
CA LYS C 23 -2.30 26.12 -5.18
C LYS C 23 -1.71 27.39 -5.79
N THR C 24 -1.75 28.49 -5.06
CA THR C 24 -1.22 29.76 -5.55
C THR C 24 -0.11 30.27 -4.62
N PRO C 25 0.85 31.02 -5.15
CA PRO C 25 1.91 31.56 -4.30
C PRO C 25 1.32 32.47 -3.22
N ILE C 26 1.89 32.36 -2.01
CA ILE C 26 1.45 33.17 -0.88
C ILE C 26 2.60 34.07 -0.45
N PRO C 27 2.55 35.37 -0.76
CA PRO C 27 3.65 36.26 -0.37
C PRO C 27 3.84 36.34 1.13
N THR C 28 4.98 35.84 1.62
CA THR C 28 5.28 35.81 3.04
C THR C 28 6.60 36.50 3.29
N ASN C 29 6.60 37.49 4.18
CA ASN C 29 7.81 38.20 4.58
C ASN C 29 8.06 37.99 6.07
N LEU C 30 9.31 38.18 6.47
CA LEU C 30 9.71 38.02 7.86
C LEU C 30 9.70 39.37 8.56
N TYR C 31 9.14 39.41 9.76
CA TYR C 31 9.09 40.60 10.59
C TYR C 31 9.63 40.28 11.97
N VAL C 32 10.54 41.11 12.47
CA VAL C 32 11.11 40.95 13.81
C VAL C 32 10.53 42.05 14.69
N TYR C 33 9.85 41.64 15.76
CA TYR C 33 9.18 42.58 16.66
C TYR C 33 9.86 42.56 18.01
N PRO C 34 10.19 43.74 18.57
CA PRO C 34 10.77 43.77 19.91
C PRO C 34 9.72 43.77 21.00
N ARG C 35 10.16 43.78 22.25
CA ARG C 35 9.23 43.79 23.38
C ARG C 35 8.60 45.16 23.54
N GLY C 36 7.54 45.21 24.34
CA GLY C 36 6.91 46.46 24.73
C GLY C 36 5.92 47.03 23.74
N MET C 37 5.71 46.40 22.59
CA MET C 37 4.77 46.92 21.61
C MET C 37 3.34 46.59 22.02
N THR C 38 2.46 47.59 21.93
CA THR C 38 1.06 47.42 22.26
C THR C 38 0.27 47.18 20.98
N LYS C 39 -0.43 46.05 20.93
CA LYS C 39 -1.22 45.66 19.76
C LYS C 39 -2.66 45.43 20.17
N LYS C 40 -3.56 45.58 19.21
CA LYS C 40 -4.98 45.35 19.42
C LYS C 40 -5.39 43.98 18.90
N SER C 41 -6.38 43.38 19.55
CA SER C 41 -6.82 42.04 19.18
C SER C 41 -7.56 42.04 17.85
N SER C 42 -8.25 43.12 17.52
CA SER C 42 -9.00 43.23 16.28
C SER C 42 -9.33 44.70 16.04
N ASP C 43 -10.22 44.96 15.08
CA ASP C 43 -10.68 46.31 14.79
C ASP C 43 -12.16 46.50 15.09
N ALA C 44 -12.88 45.45 15.49
CA ALA C 44 -14.29 45.54 15.81
C ALA C 44 -14.48 45.99 17.26
N LYS C 45 -15.73 46.28 17.60
CA LYS C 45 -16.05 46.73 18.95
C LYS C 45 -15.80 45.61 19.97
N GLY C 46 -15.30 46.00 21.14
CA GLY C 46 -15.00 45.04 22.19
C GLY C 46 -13.61 44.44 22.12
N ALA C 47 -12.81 44.81 21.14
CA ALA C 47 -11.46 44.26 21.03
C ALA C 47 -10.58 44.75 22.16
N PHE C 48 -9.71 43.88 22.65
CA PHE C 48 -8.79 44.21 23.72
C PHE C 48 -7.38 44.42 23.17
N GLU C 49 -6.49 44.91 24.02
CA GLU C 49 -5.11 45.18 23.66
C GLU C 49 -4.17 44.43 24.61
N TRP C 50 -2.91 44.38 24.21
CA TRP C 50 -1.87 43.75 25.02
C TRP C 50 -0.52 44.34 24.63
N THR C 51 0.41 44.31 25.58
CA THR C 51 1.77 44.78 25.37
C THR C 51 2.69 43.57 25.29
N SER C 52 3.44 43.46 24.19
CA SER C 52 4.26 42.29 23.94
C SER C 52 5.34 42.14 25.01
N THR C 53 5.27 41.05 25.78
CA THR C 53 6.27 40.79 26.80
C THR C 53 7.57 40.27 26.20
N TYR C 54 7.49 39.50 25.12
CA TYR C 54 8.67 38.92 24.50
C TYR C 54 8.77 39.37 23.05
N GLY C 55 9.99 39.35 22.54
CA GLY C 55 10.23 39.62 21.13
C GLY C 55 10.13 38.36 20.30
N ALA C 56 9.69 38.52 19.05
CA ALA C 56 9.44 37.36 18.20
C ALA C 56 9.64 37.75 16.74
N VAL C 57 9.84 36.73 15.91
CA VAL C 57 9.90 36.88 14.46
C VAL C 57 8.65 36.22 13.88
N TYR C 58 7.99 36.92 12.97
CA TYR C 58 6.75 36.45 12.38
C TYR C 58 6.94 36.18 10.88
N ALA C 59 6.36 35.08 10.41
CA ALA C 59 6.27 34.79 8.98
C ALA C 59 4.90 35.30 8.52
N VAL C 60 4.86 36.58 8.16
CA VAL C 60 3.60 37.26 7.86
C VAL C 60 3.26 37.04 6.39
N GLY C 61 2.17 36.33 6.14
CA GLY C 61 1.69 36.16 4.77
C GLY C 61 0.84 37.35 4.33
N TYR C 62 1.02 37.74 3.06
CA TYR C 62 0.36 38.89 2.46
C TYR C 62 0.63 40.19 3.22
N ASP C 63 1.64 40.19 4.09
CA ASP C 63 1.95 41.33 4.95
C ASP C 63 0.72 41.77 5.75
N GLY C 64 -0.10 40.81 6.15
CA GLY C 64 -1.33 41.12 6.86
C GLY C 64 -1.61 40.23 8.06
N GLY C 65 -1.21 38.97 7.99
CA GLY C 65 -1.49 38.03 9.06
C GLY C 65 -0.30 37.17 9.36
N ILE C 66 -0.15 36.82 10.64
CA ILE C 66 0.96 36.00 11.10
C ILE C 66 0.62 34.53 10.86
N THR C 67 1.34 33.90 9.92
CA THR C 67 1.15 32.48 9.68
C THR C 67 1.80 31.64 10.76
N GLU C 68 3.01 32.01 11.18
CA GLU C 68 3.74 31.30 12.23
C GLU C 68 4.73 32.28 12.85
N GLY C 69 5.45 31.81 13.86
CA GLY C 69 6.46 32.64 14.48
C GLY C 69 7.13 31.93 15.65
N MET C 70 8.30 32.45 16.00
CA MET C 70 9.09 31.97 17.12
C MET C 70 9.54 33.16 17.95
N ASN C 71 9.31 33.08 19.27
CA ASN C 71 9.69 34.17 20.16
C ASN C 71 11.08 33.93 20.73
N GLU C 72 11.57 34.92 21.48
CA GLU C 72 12.90 34.85 22.08
C GLU C 72 12.99 33.83 23.21
N MET C 73 11.88 33.22 23.62
CA MET C 73 11.90 32.19 24.64
C MET C 73 11.96 30.79 24.06
N GLY C 74 12.01 30.66 22.74
CA GLY C 74 12.00 29.36 22.09
C GLY C 74 10.64 28.78 21.83
N LEU C 75 9.58 29.58 21.97
CA LEU C 75 8.22 29.10 21.73
C LEU C 75 7.87 29.26 20.26
N VAL C 76 7.36 28.20 19.65
CA VAL C 76 7.05 28.16 18.23
C VAL C 76 5.57 27.82 18.07
N ILE C 77 4.89 28.55 17.19
CA ILE C 77 3.49 28.31 16.87
C ILE C 77 3.34 28.34 15.35
N ASN C 78 2.73 27.29 14.80
CA ASN C 78 2.53 27.17 13.37
C ASN C 78 1.04 27.02 13.06
N GLY C 79 0.58 27.70 12.02
CA GLY C 79 -0.81 27.66 11.61
C GLY C 79 -0.99 26.75 10.40
N LEU C 80 -1.89 25.78 10.53
CA LEU C 80 -2.12 24.77 9.51
C LEU C 80 -3.60 24.73 9.14
N PHE C 81 -3.88 24.55 7.85
CA PHE C 81 -5.26 24.53 7.39
C PHE C 81 -6.00 23.32 7.91
N CYS C 82 -7.30 23.52 8.21
CA CYS C 82 -8.16 22.43 8.64
C CYS C 82 -9.57 22.75 8.15
N LYS C 83 -10.05 21.98 7.18
CA LYS C 83 -11.34 22.24 6.54
C LYS C 83 -12.49 22.16 7.53
N ARG C 95 -17.88 37.38 23.36
CA ARG C 95 -16.47 37.35 23.76
C ARG C 95 -15.68 38.41 22.99
N PRO C 96 -14.57 38.87 23.57
CA PRO C 96 -13.70 39.83 22.88
C PRO C 96 -13.21 39.28 21.56
N PRO C 97 -13.34 40.05 20.48
CA PRO C 97 -12.95 39.53 19.16
C PRO C 97 -11.44 39.45 19.01
N MET C 98 -10.96 38.29 18.57
CA MET C 98 -9.54 38.06 18.29
C MET C 98 -9.41 37.63 16.84
N SER C 99 -8.82 38.50 16.02
CA SER C 99 -8.66 38.20 14.61
C SER C 99 -7.59 37.12 14.41
N LEU C 100 -7.69 36.42 13.28
CA LEU C 100 -6.71 35.39 12.95
C LEU C 100 -5.37 35.98 12.55
N ALA C 101 -5.33 37.25 12.18
CA ALA C 101 -4.08 37.85 11.72
C ALA C 101 -3.10 38.06 12.86
N VAL C 102 -3.59 38.32 14.07
CA VAL C 102 -2.75 38.60 15.22
C VAL C 102 -2.93 37.56 16.33
N PHE C 103 -3.59 36.45 16.02
CA PHE C 103 -3.82 35.43 17.06
C PHE C 103 -2.54 34.68 17.38
N VAL C 104 -1.73 34.36 16.36
CA VAL C 104 -0.47 33.67 16.60
C VAL C 104 0.50 34.58 17.35
N GLY C 105 0.57 35.85 16.97
CA GLY C 105 1.46 36.76 17.65
C GLY C 105 1.05 37.05 19.09
N TRP C 106 -0.26 37.12 19.34
CA TRP C 106 -0.74 37.36 20.70
C TRP C 106 -0.29 36.27 21.65
N LEU C 107 -0.28 35.02 21.18
CA LEU C 107 0.21 33.92 22.01
C LEU C 107 1.73 33.92 22.09
N LEU C 108 2.41 34.41 21.06
CA LEU C 108 3.87 34.49 21.10
C LEU C 108 4.34 35.69 21.92
N ASP C 109 3.59 36.80 21.87
CA ASP C 109 4.01 37.99 22.59
C ASP C 109 3.90 37.83 24.10
N MET C 110 2.91 37.05 24.56
CA MET C 110 2.60 36.99 25.98
C MET C 110 3.07 35.73 26.67
N ASN C 111 3.23 34.62 25.95
CA ASN C 111 3.57 33.35 26.55
C ASN C 111 5.01 32.96 26.24
N ALA C 112 5.62 32.22 27.17
CA ALA C 112 6.99 31.76 27.02
C ALA C 112 7.10 30.25 26.82
N THR C 113 6.16 29.48 27.35
CA THR C 113 6.16 28.03 27.22
C THR C 113 4.87 27.55 26.57
N THR C 114 4.85 26.28 26.19
CA THR C 114 3.63 25.68 25.66
C THR C 114 2.54 25.59 26.72
N GLN C 115 2.93 25.35 27.98
CA GLN C 115 1.96 25.25 29.06
C GLN C 115 1.25 26.58 29.28
N GLN C 116 1.96 27.69 29.11
CA GLN C 116 1.33 29.00 29.27
C GLN C 116 0.32 29.27 28.17
N CYS C 117 0.60 28.79 26.95
CA CYS C 117 -0.38 28.91 25.87
C CYS C 117 -1.61 28.06 26.14
N VAL C 118 -1.41 26.87 26.72
CA VAL C 118 -2.53 25.99 27.01
C VAL C 118 -3.44 26.60 28.08
N ASP C 119 -2.84 27.24 29.09
CA ASP C 119 -3.63 27.83 30.17
C ASP C 119 -4.47 28.99 29.65
N VAL C 120 -3.90 29.84 28.80
CA VAL C 120 -4.64 30.99 28.27
C VAL C 120 -5.72 30.53 27.31
N LEU C 121 -5.39 29.56 26.44
CA LEU C 121 -6.38 29.07 25.48
C LEU C 121 -7.49 28.29 26.18
N LYS C 122 -7.19 27.65 27.31
CA LYS C 122 -8.24 26.93 28.04
C LYS C 122 -9.29 27.89 28.59
N GLU C 123 -8.91 29.12 28.88
CA GLU C 123 -9.87 30.11 29.36
C GLU C 123 -10.86 30.49 28.25
N HIS C 124 -10.37 30.58 27.00
CA HIS C 124 -11.20 30.86 25.83
C HIS C 124 -11.98 32.17 26.00
N ASN C 125 -11.31 33.19 26.53
CA ASN C 125 -11.95 34.49 26.77
C ASN C 125 -11.94 35.34 25.51
N PHE C 126 -12.29 34.74 24.38
CA PHE C 126 -12.24 35.46 23.10
C PHE C 126 -12.97 34.64 22.05
N SER C 127 -13.46 35.35 21.02
CA SER C 127 -13.97 34.74 19.81
C SER C 127 -12.98 34.99 18.68
N ILE C 128 -13.11 34.21 17.61
CA ILE C 128 -12.17 34.24 16.49
C ILE C 128 -12.91 34.70 15.25
N GLY C 129 -12.34 35.68 14.56
CA GLY C 129 -12.93 36.20 13.34
C GLY C 129 -11.91 36.48 12.25
N SER C 139 -13.16 26.47 5.62
CA SER C 139 -11.88 27.17 5.49
C SER C 139 -11.47 27.79 6.83
N ALA C 140 -10.65 27.08 7.58
CA ALA C 140 -10.17 27.55 8.88
C ALA C 140 -8.81 26.90 9.15
N LEU C 141 -8.30 27.09 10.36
CA LEU C 141 -6.95 26.68 10.70
C LEU C 141 -6.94 25.92 12.03
N HIS C 142 -5.81 25.24 12.27
CA HIS C 142 -5.52 24.63 13.56
C HIS C 142 -4.01 24.72 13.78
N TRP C 143 -3.61 24.87 15.04
CA TRP C 143 -2.25 25.28 15.37
C TRP C 143 -1.52 24.21 16.16
N GLY C 144 -0.18 24.24 16.05
CA GLY C 144 0.69 23.40 16.84
C GLY C 144 1.73 24.22 17.56
N ILE C 145 1.86 24.04 18.87
CA ILE C 145 2.70 24.88 19.72
C ILE C 145 3.75 24.02 20.39
N THR C 146 5.02 24.39 20.24
CA THR C 146 6.13 23.68 20.85
C THR C 146 7.03 24.68 21.57
N ASP C 147 7.45 24.31 22.79
CA ASP C 147 8.36 25.12 23.57
C ASP C 147 9.78 24.57 23.50
N SER C 148 10.73 25.36 24.00
CA SER C 148 12.14 24.96 23.95
C SER C 148 12.42 23.67 24.70
N THR C 149 11.51 23.24 25.58
CA THR C 149 11.67 22.00 26.31
C THR C 149 11.21 20.78 25.53
N GLY C 150 10.64 20.97 24.34
CA GLY C 150 10.11 19.87 23.56
C GLY C 150 8.64 19.59 23.77
N HIS C 151 8.02 20.21 24.77
CA HIS C 151 6.59 20.04 25.01
C HIS C 151 5.80 20.60 23.84
N SER C 152 5.02 19.75 23.17
CA SER C 152 4.26 20.14 22.00
C SER C 152 2.82 19.68 22.13
N VAL C 153 1.89 20.53 21.70
CA VAL C 153 0.46 20.22 21.72
C VAL C 153 -0.13 20.60 20.36
N VAL C 154 -1.38 20.17 20.16
CA VAL C 154 -2.15 20.49 18.96
C VAL C 154 -3.44 21.18 19.40
N VAL C 155 -3.70 22.34 18.82
CA VAL C 155 -4.89 23.12 19.12
C VAL C 155 -5.81 23.10 17.90
N GLU C 156 -7.03 22.64 18.10
CA GLU C 156 -8.02 22.56 17.03
C GLU C 156 -9.36 23.01 17.55
N PHE C 157 -10.07 23.80 16.74
CA PHE C 157 -11.39 24.31 17.11
C PHE C 157 -12.48 23.41 16.56
N ASP C 161 -15.75 24.86 20.26
CA ASP C 161 -15.01 24.40 21.43
C ASP C 161 -13.54 24.14 21.09
N ILE C 162 -12.65 24.64 21.93
CA ILE C 162 -11.22 24.47 21.71
C ILE C 162 -10.77 23.15 22.29
N ARG C 163 -10.03 22.37 21.50
CA ARG C 163 -9.52 21.07 21.90
C ARG C 163 -8.00 21.11 21.83
N ILE C 164 -7.34 20.86 22.96
CA ILE C 164 -5.89 20.88 23.07
C ILE C 164 -5.43 19.45 23.27
N TYR C 165 -4.72 18.90 22.28
CA TYR C 165 -4.22 17.54 22.33
C TYR C 165 -2.71 17.55 22.55
N GLU C 166 -2.25 16.73 23.49
CA GLU C 166 -0.81 16.59 23.73
C GLU C 166 -0.21 15.62 22.72
N MET C 167 0.84 16.05 22.03
CA MET C 167 1.45 15.21 20.99
C MET C 167 2.22 14.04 21.59
N GLY C 168 2.77 14.20 22.80
CA GLY C 168 3.50 13.14 23.44
C GLY C 168 4.68 12.65 22.63
N GLU C 169 4.54 11.49 22.00
CA GLU C 169 5.59 10.92 21.16
C GLU C 169 5.39 11.17 19.68
N TYR C 170 4.20 11.62 19.26
CA TYR C 170 3.98 11.95 17.86
C TYR C 170 4.85 13.13 17.45
N ARG C 171 5.26 13.13 16.19
CA ARG C 171 6.20 14.12 15.66
C ARG C 171 5.66 14.93 14.51
N ALA C 172 4.66 14.44 13.78
CA ALA C 172 4.16 15.10 12.59
C ALA C 172 2.75 15.63 12.82
N MET C 173 2.36 16.55 11.95
CA MET C 173 1.04 17.20 12.04
C MET C 173 0.77 17.89 10.72
N THR C 174 -0.32 17.52 10.05
CA THR C 174 -0.66 18.13 8.77
C THR C 174 -2.02 18.81 8.83
N ASN C 175 -2.80 18.69 7.75
CA ASN C 175 -4.10 19.34 7.68
C ASN C 175 -5.19 18.46 8.28
N ASP C 176 -5.98 17.82 7.42
CA ASP C 176 -7.11 16.98 7.77
C ASP C 176 -6.69 15.51 7.85
N PRO C 177 -7.38 14.69 8.64
CA PRO C 177 -8.55 15.00 9.49
C PRO C 177 -8.17 15.58 10.84
N ASN C 178 -9.05 15.49 11.82
CA ASN C 178 -8.76 15.97 13.16
C ASN C 178 -7.66 15.10 13.79
N TRP C 179 -7.11 15.60 14.90
CA TRP C 179 -6.00 14.90 15.54
C TRP C 179 -6.36 13.50 16.02
N PRO C 180 -7.52 13.25 16.65
CA PRO C 180 -7.84 11.85 17.02
C PRO C 180 -7.88 10.92 15.83
N ALA C 181 -8.48 11.34 14.72
CA ALA C 181 -8.51 10.53 13.52
C ALA C 181 -7.14 10.42 12.86
N MET C 182 -6.26 11.39 13.11
CA MET C 182 -4.92 11.34 12.54
C MET C 182 -4.04 10.33 13.26
N THR C 183 -4.08 10.35 14.60
CA THR C 183 -3.29 9.39 15.38
C THR C 183 -3.75 7.96 15.14
N ALA C 184 -5.03 7.77 14.85
CA ALA C 184 -5.51 6.44 14.50
C ALA C 184 -4.89 5.95 13.21
N ILE C 185 -4.77 6.82 12.21
CA ILE C 185 -4.13 6.46 10.96
C ILE C 185 -2.64 6.26 11.17
N ILE C 186 -2.03 7.06 12.05
CA ILE C 186 -0.61 6.91 12.34
C ILE C 186 -0.35 5.58 13.04
N ASP C 187 -1.19 5.22 14.01
CA ASP C 187 -1.01 3.95 14.72
C ASP C 187 -1.31 2.77 13.81
N TYR C 188 -2.20 2.95 12.83
CA TYR C 188 -2.49 1.87 11.89
C TYR C 188 -1.28 1.58 11.00
N TRP C 189 -0.61 2.63 10.52
CA TRP C 189 0.57 2.45 9.68
C TRP C 189 1.79 2.03 10.50
N ASP C 190 1.86 2.46 11.76
CA ASP C 190 2.99 2.08 12.60
C ASP C 190 2.98 0.58 12.90
N LYS C 191 1.81 -0.05 12.86
CA LYS C 191 1.73 -1.50 12.99
C LYS C 191 2.16 -2.20 11.71
N ILE C 192 1.96 -1.55 10.56
CA ILE C 192 2.45 -2.10 9.30
C ILE C 192 3.97 -2.05 9.23
N GLY C 193 4.55 -0.95 9.73
CA GLY C 193 5.99 -0.80 9.71
C GLY C 193 6.46 0.12 8.60
N GLY C 194 7.05 1.26 8.97
CA GLY C 194 7.57 2.17 7.96
C GLY C 194 8.71 1.58 7.16
N GLN C 195 9.46 0.65 7.75
CA GLN C 195 10.52 -0.04 7.03
C GLN C 195 9.98 -0.95 5.92
N ASN C 196 8.68 -1.23 5.93
CA ASN C 196 8.05 -2.12 4.95
C ASN C 196 7.16 -1.39 3.96
N MET C 197 6.38 -0.41 4.40
CA MET C 197 5.45 0.27 3.52
C MET C 197 5.08 1.62 4.13
N LEU C 198 4.95 2.63 3.27
CA LEU C 198 4.50 3.97 3.67
C LEU C 198 3.67 4.54 2.54
N PRO C 199 2.65 5.34 2.86
CA PRO C 199 1.83 5.95 1.80
C PRO C 199 2.59 7.10 1.12
N GLY C 200 2.85 6.93 -0.17
CA GLY C 200 3.59 7.90 -0.95
C GLY C 200 2.76 8.98 -1.60
N GLY C 201 1.48 9.12 -1.24
CA GLY C 201 0.65 10.14 -1.82
C GLY C 201 0.91 11.51 -1.24
N VAL C 202 0.25 12.51 -1.84
CA VAL C 202 0.37 13.89 -1.36
C VAL C 202 -0.74 14.26 -0.39
N THR C 203 -1.60 13.31 -0.02
CA THR C 203 -2.66 13.59 0.93
C THR C 203 -2.07 13.88 2.31
N SER C 204 -2.82 14.64 3.10
CA SER C 204 -2.34 15.00 4.44
C SER C 204 -2.05 13.80 5.33
N PRO C 205 -2.88 12.75 5.38
CA PRO C 205 -2.47 11.56 6.16
C PRO C 205 -1.21 10.91 5.63
N SER C 206 -1.06 10.83 4.30
CA SER C 206 0.14 10.22 3.73
C SER C 206 1.38 11.03 4.08
N ARG C 207 1.30 12.36 4.04
CA ARG C 207 2.44 13.18 4.39
C ARG C 207 2.72 13.15 5.89
N CYS C 208 1.68 12.99 6.71
CA CYS C 208 1.88 12.96 8.16
C CYS C 208 2.51 11.65 8.60
N VAL C 209 2.05 10.52 8.05
CA VAL C 209 2.61 9.22 8.42
C VAL C 209 4.07 9.14 8.01
N ARG C 210 4.41 9.63 6.81
CA ARG C 210 5.79 9.62 6.36
C ARG C 210 6.67 10.48 7.26
N ALA C 211 6.22 11.70 7.55
CA ALA C 211 7.03 12.63 8.34
C ALA C 211 7.20 12.12 9.77
N ASN C 212 6.16 11.52 10.35
CA ASN C 212 6.27 11.00 11.71
C ASN C 212 7.23 9.82 11.78
N TYR C 213 7.22 8.96 10.76
CA TYR C 213 8.13 7.82 10.75
C TYR C 213 9.58 8.27 10.62
N PHE C 214 9.86 9.19 9.68
CA PHE C 214 11.22 9.63 9.48
C PHE C 214 11.74 10.42 10.68
N ALA C 215 10.86 11.11 11.40
CA ALA C 215 11.29 11.88 12.57
C ALA C 215 11.74 10.98 13.72
N HIS C 216 11.28 9.72 13.74
CA HIS C 216 11.71 8.77 14.76
C HIS C 216 12.91 7.95 14.33
N HIS C 217 13.25 7.92 13.04
CA HIS C 217 14.27 7.02 12.52
C HIS C 217 15.44 7.78 11.90
N VAL C 218 15.72 8.98 12.40
CA VAL C 218 16.92 9.72 12.04
C VAL C 218 17.78 9.87 13.28
N LYS C 219 19.08 10.01 13.06
CA LYS C 219 20.03 10.03 14.18
C LYS C 219 19.89 11.32 14.97
N PRO C 220 19.79 11.25 16.31
CA PRO C 220 19.77 12.47 17.12
C PRO C 220 21.16 13.04 17.26
N THR C 221 21.28 14.35 17.04
CA THR C 221 22.57 15.03 17.08
C THR C 221 22.48 16.29 17.94
N ALA C 222 23.64 16.77 18.37
CA ALA C 222 23.74 17.99 19.15
C ALA C 222 24.19 19.19 18.34
N ASP C 223 24.63 18.99 17.11
CA ASP C 223 25.05 20.10 16.27
C ASP C 223 23.82 20.84 15.73
N PRO C 224 23.72 22.15 15.95
CA PRO C 224 22.54 22.87 15.43
C PRO C 224 22.49 22.91 13.91
N ASP C 225 23.63 23.02 13.24
CA ASP C 225 23.64 23.07 11.78
C ASP C 225 23.23 21.74 11.17
N LEU C 226 23.56 20.62 11.82
CA LEU C 226 23.19 19.32 11.31
C LEU C 226 21.72 19.00 11.56
N ALA C 227 21.21 19.41 12.73
CA ALA C 227 19.80 19.15 13.04
C ALA C 227 18.86 19.84 12.07
N VAL C 228 19.26 21.00 11.54
CA VAL C 228 18.46 21.66 10.53
C VAL C 228 18.55 20.93 9.20
N SER C 229 19.74 20.39 8.88
CA SER C 229 19.90 19.62 7.65
C SER C 229 19.08 18.33 7.69
N ILE C 230 18.99 17.69 8.86
CA ILE C 230 18.18 16.49 8.99
C ILE C 230 16.71 16.84 8.91
N THR C 231 16.29 17.89 9.62
CA THR C 231 14.89 18.32 9.57
C THR C 231 14.48 18.76 8.18
N ARG C 232 15.41 19.35 7.42
CA ARG C 232 15.09 19.77 6.06
C ARG C 232 14.83 18.57 5.16
N SER C 233 15.55 17.47 5.38
CA SER C 233 15.37 16.28 4.55
C SER C 233 14.03 15.60 4.82
N ILE C 234 13.56 15.63 6.08
CA ILE C 234 12.26 15.05 6.39
C ILE C 234 11.15 15.89 5.77
N VAL C 235 11.24 17.22 5.91
CA VAL C 235 10.24 18.10 5.34
C VAL C 235 10.26 18.02 3.82
N ALA C 236 11.43 17.81 3.23
CA ALA C 236 11.52 17.69 1.77
C ALA C 236 10.78 16.45 1.28
N ASP C 237 10.89 15.33 1.99
CA ASP C 237 10.21 14.12 1.56
C ASP C 237 8.70 14.25 1.69
N ALA C 238 8.23 14.95 2.71
CA ALA C 238 6.81 15.19 2.91
C ALA C 238 6.30 16.40 2.14
N SER C 239 7.10 16.94 1.23
CA SER C 239 6.72 18.11 0.46
C SER C 239 6.07 17.69 -0.86
N VAL C 240 5.07 18.47 -1.27
CA VAL C 240 4.43 18.24 -2.56
C VAL C 240 5.26 18.87 -3.66
N PRO C 241 5.57 18.16 -4.75
CA PRO C 241 6.37 18.75 -5.82
C PRO C 241 5.74 20.02 -6.38
N TYR C 242 6.59 20.93 -6.83
CA TYR C 242 6.12 22.24 -7.26
C TYR C 242 5.36 22.13 -8.59
N THR C 243 4.32 22.95 -8.73
CA THR C 243 3.42 22.95 -9.88
C THR C 243 2.73 21.60 -10.08
N TYR C 244 2.56 20.83 -9.02
CA TYR C 244 1.85 19.56 -9.12
C TYR C 244 0.38 19.79 -9.43
N MET C 245 -0.08 19.29 -10.58
CA MET C 245 -1.46 19.46 -10.99
C MET C 245 -1.78 18.44 -12.06
N ILE C 246 -2.91 17.76 -11.92
CA ILE C 246 -3.33 16.74 -12.88
C ILE C 246 -4.45 17.29 -13.75
N LEU C 252 -3.99 21.27 -6.28
CA LEU C 252 -2.72 21.74 -6.81
C LEU C 252 -1.86 22.34 -5.70
N SER C 253 -2.03 21.82 -4.48
CA SER C 253 -1.32 22.35 -3.32
C SER C 253 0.18 22.08 -3.41
N SER C 254 0.87 22.83 -4.25
CA SER C 254 2.32 22.73 -4.33
C SER C 254 2.97 23.43 -3.14
N THR C 255 4.08 22.87 -2.69
CA THR C 255 4.82 23.46 -1.57
C THR C 255 5.42 24.79 -2.00
N GLN C 256 5.08 25.85 -1.27
CA GLN C 256 5.56 27.19 -1.60
C GLN C 256 6.85 27.55 -0.88
N TRP C 257 6.95 27.23 0.41
CA TRP C 257 8.16 27.51 1.17
C TRP C 257 8.20 26.60 2.39
N ARG C 258 9.35 26.58 3.05
CA ARG C 258 9.56 25.77 4.23
C ARG C 258 10.30 26.59 5.28
N SER C 259 10.03 26.27 6.55
CA SER C 259 10.65 26.97 7.67
C SER C 259 11.10 25.97 8.71
N PHE C 260 12.19 26.30 9.39
CA PHE C 260 12.76 25.45 10.42
C PHE C 260 13.22 26.32 11.59
N ALA C 261 12.65 26.08 12.76
CA ALA C 261 12.93 26.87 13.95
C ALA C 261 13.90 26.11 14.84
N ASP C 262 15.04 26.72 15.16
CA ASP C 262 16.00 26.16 16.10
C ASP C 262 15.66 26.73 17.46
N LEU C 263 15.00 25.92 18.29
CA LEU C 263 14.43 26.43 19.53
C LEU C 263 15.51 26.72 20.56
N LYS C 264 16.58 25.91 20.59
CA LYS C 264 17.63 26.12 21.58
C LYS C 264 18.47 27.33 21.25
N ASN C 265 18.84 27.50 19.98
CA ASN C 265 19.71 28.58 19.55
C ASN C 265 18.94 29.80 19.05
N LEU C 266 17.61 29.76 19.07
CA LEU C 266 16.77 30.89 18.66
C LEU C 266 17.08 31.33 17.23
N ARG C 267 17.13 30.35 16.33
CA ARG C 267 17.34 30.61 14.90
C ARG C 267 16.10 30.19 14.13
N TYR C 268 15.64 31.06 13.25
CA TYR C 268 14.44 30.83 12.44
C TYR C 268 14.84 30.76 10.98
N TYR C 269 14.94 29.55 10.45
CA TYR C 269 15.31 29.36 9.06
C TYR C 269 14.10 29.55 8.15
N PHE C 270 14.39 29.78 6.87
CA PHE C 270 13.35 30.07 5.87
C PHE C 270 13.96 29.93 4.49
N ASP C 271 13.19 29.34 3.58
CA ASP C 271 13.63 29.20 2.19
C ASP C 271 12.44 29.04 1.28
N ILE C 272 12.52 29.66 0.11
CA ILE C 272 11.54 29.46 -0.95
C ILE C 272 11.98 28.29 -1.80
N VAL C 273 11.02 27.46 -2.21
CA VAL C 273 11.34 26.23 -2.94
C VAL C 273 11.99 26.53 -4.29
N THR C 274 11.79 27.74 -4.82
CA THR C 274 12.41 28.13 -6.08
C THR C 274 13.71 28.89 -5.91
N ASP C 275 14.01 29.39 -4.71
CA ASP C 275 15.23 30.13 -4.47
C ASP C 275 16.42 29.18 -4.35
N SER C 276 17.61 29.76 -4.34
CA SER C 276 18.85 29.00 -4.37
C SER C 276 19.53 28.87 -3.02
N GLY C 277 19.08 29.59 -2.00
CA GLY C 277 19.72 29.56 -0.71
C GLY C 277 18.72 29.61 0.43
N ILE C 278 19.12 29.02 1.56
CA ILE C 278 18.32 29.02 2.78
C ILE C 278 19.03 29.91 3.79
N TYR C 279 18.27 30.79 4.43
CA TYR C 279 18.81 31.74 5.39
C TYR C 279 18.01 31.68 6.69
N TYR C 280 18.60 32.21 7.75
CA TYR C 280 17.98 32.18 9.06
C TYR C 280 18.12 33.54 9.73
N VAL C 281 17.21 33.81 10.66
CA VAL C 281 17.20 35.05 11.44
C VAL C 281 17.55 34.67 12.88
N ASP C 282 18.71 35.14 13.35
CA ASP C 282 19.19 34.82 14.69
C ASP C 282 18.66 35.88 15.65
N LEU C 283 17.74 35.47 16.53
CA LEU C 283 17.16 36.41 17.49
C LEU C 283 18.13 36.79 18.59
N THR C 284 19.12 35.95 18.88
CA THR C 284 20.12 36.25 19.91
C THR C 284 21.05 37.39 19.51
N ARG C 285 21.04 37.79 18.23
CA ARG C 285 21.89 38.87 17.74
C ARG C 285 21.09 40.11 17.37
N LEU C 286 19.81 40.16 17.72
CA LEU C 286 18.94 41.28 17.38
C LEU C 286 18.56 42.07 18.62
N ASP C 287 18.13 43.30 18.39
CA ASP C 287 17.71 44.21 19.46
C ASP C 287 16.21 44.06 19.65
N LEU C 288 15.81 43.31 20.69
CA LEU C 288 14.41 43.07 20.98
C LEU C 288 13.93 43.84 22.20
N TYR C 289 14.67 44.86 22.62
CA TYR C 289 14.33 45.61 23.82
C TYR C 289 13.25 46.64 23.53
N PRO C 290 12.54 47.10 24.57
CA PRO C 290 11.52 48.15 24.36
C PRO C 290 12.13 49.41 23.75
N GLY C 291 11.53 49.85 22.65
CA GLY C 291 12.01 51.01 21.93
C GLY C 291 12.76 50.70 20.65
N ALA C 292 13.10 49.43 20.42
CA ALA C 292 13.81 49.06 19.21
C ALA C 292 12.89 49.17 17.99
N PRO C 293 13.44 49.47 16.83
CA PRO C 293 12.61 49.57 15.62
C PRO C 293 12.23 48.19 15.08
N VAL C 294 11.15 48.18 14.31
CA VAL C 294 10.66 46.96 13.69
C VAL C 294 11.47 46.68 12.43
N LEU C 295 11.95 45.45 12.30
CA LEU C 295 12.72 45.03 11.14
C LEU C 295 11.87 44.13 10.25
N LYS C 296 12.23 44.11 8.96
CA LYS C 296 11.50 43.36 7.96
C LYS C 296 12.48 42.77 6.95
N LEU C 297 12.22 41.53 6.55
CA LEU C 297 13.02 40.85 5.53
C LEU C 297 12.09 40.57 4.34
N ASP C 298 12.29 41.32 3.26
CA ASP C 298 11.51 41.12 2.04
C ASP C 298 12.05 39.88 1.34
N THR C 299 11.30 38.78 1.41
CA THR C 299 11.75 37.52 0.84
C THR C 299 11.83 37.57 -0.68
N SER C 300 11.11 38.48 -1.33
CA SER C 300 11.16 38.58 -2.78
C SER C 300 12.51 39.11 -3.27
N LYS C 301 13.31 39.70 -2.39
CA LYS C 301 14.62 40.21 -2.75
C LYS C 301 15.76 39.34 -2.23
N ALA C 302 15.46 38.23 -1.58
CA ALA C 302 16.46 37.33 -1.01
C ALA C 302 16.37 35.99 -1.72
N THR C 303 16.74 35.95 -2.99
CA THR C 303 16.70 34.72 -3.77
C THR C 303 18.00 33.94 -3.72
N ASN C 304 19.13 34.60 -3.42
CA ASN C 304 20.44 33.96 -3.40
C ASN C 304 21.14 34.11 -2.06
N LEU C 305 20.39 34.40 -0.99
CA LEU C 305 20.98 34.63 0.32
C LEU C 305 21.08 33.33 1.10
N THR C 306 22.23 33.13 1.74
CA THR C 306 22.47 31.99 2.62
C THR C 306 23.01 32.50 3.96
N GLY C 307 23.24 31.55 4.87
CA GLY C 307 23.77 31.88 6.17
C GLY C 307 22.84 32.76 6.98
N CYS C 308 23.42 33.54 7.87
CA CYS C 308 22.64 34.46 8.69
C CYS C 308 22.12 35.61 7.83
N ALA C 309 20.84 35.95 8.02
CA ALA C 309 20.20 37.02 7.26
C ALA C 309 19.84 38.21 8.16
N ASN C 310 20.52 38.36 9.29
CA ASN C 310 20.23 39.48 10.18
C ASN C 310 20.62 40.81 9.54
N SER C 311 21.75 40.84 8.84
CA SER C 311 22.21 42.08 8.22
C SER C 311 21.31 42.55 7.09
N HIS C 312 20.48 41.66 6.55
CA HIS C 312 19.55 42.02 5.49
C HIS C 312 18.21 42.52 6.02
N LEU C 313 18.02 42.54 7.34
CA LEU C 313 16.82 43.11 7.93
C LEU C 313 16.88 44.62 7.88
N LYS C 314 15.81 45.25 7.38
CA LYS C 314 15.73 46.69 7.25
C LYS C 314 14.67 47.24 8.19
N ARG C 315 14.94 48.43 8.73
CA ARG C 315 13.99 49.08 9.62
C ARG C 315 12.71 49.41 8.89
N SER C 316 11.61 48.80 9.31
CA SER C 316 10.31 48.98 8.67
C SER C 316 9.24 49.24 9.72
N ALA C 317 8.05 49.51 9.25
CA ALA C 317 6.90 49.73 10.12
C ALA C 317 6.15 48.42 10.35
N PRO C 318 5.39 48.31 11.43
CA PRO C 318 4.61 47.09 11.65
C PRO C 318 3.62 46.84 10.52
N PHE C 319 3.45 45.56 10.18
CA PHE C 319 2.52 45.20 9.12
C PHE C 319 1.10 45.50 9.54
N THR C 320 0.30 45.96 8.59
CA THR C 320 -1.08 46.33 8.88
C THR C 320 -1.97 45.09 8.86
N PRO C 321 -2.63 44.76 9.96
CA PRO C 321 -3.57 43.62 9.93
C PRO C 321 -4.71 43.88 8.96
N MET C 322 -5.05 42.85 8.19
CA MET C 322 -6.08 42.97 7.17
C MET C 322 -7.45 43.23 7.79
N CYS D 2 -9.25 -14.71 -12.82
CA CYS D 2 -9.12 -16.11 -12.44
C CYS D 2 -7.75 -16.41 -11.83
N SER D 3 -7.74 -17.28 -10.82
CA SER D 3 -6.55 -17.56 -10.05
C SER D 3 -6.28 -19.07 -10.04
N ARG D 4 -5.00 -19.43 -10.05
CA ARG D 4 -4.55 -20.81 -9.98
C ARG D 4 -3.52 -20.92 -8.88
N VAL D 5 -3.82 -21.72 -7.86
CA VAL D 5 -2.97 -21.87 -6.68
C VAL D 5 -2.44 -23.29 -6.65
N ILE D 6 -1.17 -23.44 -6.28
CA ILE D 6 -0.51 -24.73 -6.14
C ILE D 6 -0.21 -24.96 -4.67
N TYR D 7 -0.73 -26.06 -4.12
CA TYR D 7 -0.55 -26.42 -2.72
C TYR D 7 0.22 -27.73 -2.66
N LYS D 8 1.35 -27.73 -1.96
CA LYS D 8 2.16 -28.92 -1.77
C LYS D 8 2.16 -29.29 -0.29
N GLY D 9 1.44 -30.34 0.05
CA GLY D 9 1.48 -30.89 1.39
C GLY D 9 2.65 -31.83 1.56
N THR D 10 2.63 -32.54 2.68
CA THR D 10 3.67 -33.53 2.96
C THR D 10 3.32 -34.86 2.32
N ASP D 11 4.33 -35.72 2.20
CA ASP D 11 4.19 -37.06 1.62
C ASP D 11 3.67 -37.01 0.18
N SER D 12 4.31 -36.16 -0.62
CA SER D 12 4.05 -36.08 -2.06
C SER D 12 2.58 -35.77 -2.35
N LEU D 13 1.98 -34.92 -1.52
CA LEU D 13 0.59 -34.51 -1.69
C LEU D 13 0.55 -33.13 -2.33
N THR D 14 -0.10 -33.03 -3.48
CA THR D 14 -0.17 -31.79 -4.24
C THR D 14 -1.60 -31.53 -4.69
N VAL D 15 -2.11 -30.35 -4.37
CA VAL D 15 -3.47 -29.94 -4.74
C VAL D 15 -3.37 -28.63 -5.51
N VAL D 16 -4.06 -28.56 -6.65
CA VAL D 16 -4.06 -27.39 -7.50
C VAL D 16 -5.46 -26.78 -7.50
N GLY D 17 -5.59 -25.60 -6.91
CA GLY D 17 -6.85 -24.88 -6.92
C GLY D 17 -6.96 -23.94 -8.11
N ARG D 18 -8.19 -23.67 -8.52
CA ARG D 18 -8.43 -22.86 -9.71
C ARG D 18 -9.84 -22.29 -9.62
N SER D 19 -9.97 -20.96 -9.70
CA SER D 19 -11.25 -20.28 -9.65
C SER D 19 -11.49 -19.57 -10.98
N LEU D 20 -12.73 -19.61 -11.45
CA LEU D 20 -13.12 -18.96 -12.70
C LEU D 20 -13.84 -17.66 -12.38
N ASP D 21 -13.27 -16.54 -12.82
CA ASP D 21 -13.85 -15.22 -12.62
C ASP D 21 -14.29 -14.67 -13.97
N TRP D 22 -15.59 -14.39 -14.10
CA TRP D 22 -16.13 -13.82 -15.32
C TRP D 22 -17.40 -13.04 -14.98
N LYS D 23 -17.73 -12.09 -15.85
CA LYS D 23 -18.88 -11.22 -15.61
C LYS D 23 -20.19 -11.99 -15.69
N THR D 24 -20.29 -12.94 -16.61
CA THR D 24 -21.48 -13.75 -16.76
C THR D 24 -21.20 -15.20 -16.42
N PRO D 25 -22.18 -15.93 -15.88
CA PRO D 25 -21.96 -17.34 -15.57
C PRO D 25 -21.61 -18.14 -16.82
N ILE D 26 -20.73 -19.12 -16.63
CA ILE D 26 -20.28 -19.97 -17.73
C ILE D 26 -20.69 -21.41 -17.46
N PRO D 27 -21.61 -21.97 -18.25
CA PRO D 27 -22.02 -23.37 -18.03
C PRO D 27 -20.88 -24.34 -18.25
N THR D 28 -20.40 -24.96 -17.16
CA THR D 28 -19.28 -25.88 -17.20
C THR D 28 -19.71 -27.22 -16.63
N ASN D 29 -19.69 -28.25 -17.45
CA ASN D 29 -20.00 -29.61 -17.03
C ASN D 29 -18.74 -30.46 -17.00
N LEU D 30 -18.78 -31.53 -16.21
CA LEU D 30 -17.66 -32.44 -16.07
C LEU D 30 -17.86 -33.67 -16.95
N TYR D 31 -16.83 -34.01 -17.72
CA TYR D 31 -16.85 -35.17 -18.61
C TYR D 31 -15.65 -36.04 -18.30
N VAL D 32 -15.90 -37.32 -18.04
CA VAL D 32 -14.85 -38.30 -17.77
C VAL D 32 -14.65 -39.12 -19.03
N TYR D 33 -13.46 -38.98 -19.65
CA TYR D 33 -13.16 -39.69 -20.89
C TYR D 33 -12.27 -40.88 -20.60
N PRO D 34 -12.59 -42.05 -21.13
CA PRO D 34 -11.74 -43.23 -20.95
C PRO D 34 -10.62 -43.24 -21.98
N ARG D 35 -9.76 -44.24 -21.87
CA ARG D 35 -8.65 -44.39 -22.80
C ARG D 35 -9.15 -44.88 -24.16
N GLY D 36 -8.26 -44.83 -25.14
CA GLY D 36 -8.53 -45.40 -26.44
C GLY D 36 -9.58 -44.67 -27.26
N MET D 37 -9.72 -43.36 -27.06
CA MET D 37 -10.66 -42.55 -27.83
C MET D 37 -9.91 -41.77 -28.90
N THR D 38 -10.39 -41.84 -30.14
CA THR D 38 -9.78 -41.15 -31.26
C THR D 38 -10.49 -39.83 -31.49
N LYS D 39 -9.78 -38.73 -31.24
CA LYS D 39 -10.31 -37.39 -31.41
C LYS D 39 -9.53 -36.65 -32.48
N LYS D 40 -10.11 -35.55 -32.96
CA LYS D 40 -9.49 -34.72 -33.99
C LYS D 40 -9.07 -33.38 -33.40
N SER D 41 -7.96 -32.86 -33.90
CA SER D 41 -7.42 -31.59 -33.42
C SER D 41 -8.22 -30.40 -33.95
N PHE D 48 -4.86 -33.09 -37.48
CA PHE D 48 -4.40 -34.44 -37.16
C PHE D 48 -5.29 -35.08 -36.09
N GLU D 49 -5.16 -36.39 -35.93
CA GLU D 49 -5.92 -37.14 -34.95
C GLU D 49 -4.98 -37.84 -33.97
N TRP D 50 -5.52 -38.25 -32.84
CA TRP D 50 -4.75 -38.94 -31.81
C TRP D 50 -5.68 -39.83 -31.01
N THR D 51 -5.15 -40.96 -30.55
CA THR D 51 -5.88 -41.89 -29.70
C THR D 51 -5.45 -41.67 -28.25
N SER D 52 -6.43 -41.43 -27.38
CA SER D 52 -6.14 -41.08 -26.00
C SER D 52 -5.35 -42.17 -25.30
N THR D 53 -4.19 -41.80 -24.78
CA THR D 53 -3.36 -42.75 -24.02
C THR D 53 -3.85 -42.90 -22.58
N TYR D 54 -4.35 -41.82 -21.99
CA TYR D 54 -4.78 -41.82 -20.60
C TYR D 54 -6.20 -41.32 -20.49
N GLY D 55 -6.94 -41.86 -19.51
CA GLY D 55 -8.24 -41.32 -19.19
C GLY D 55 -8.13 -40.05 -18.37
N ALA D 56 -9.15 -39.20 -18.49
CA ALA D 56 -9.09 -37.90 -17.84
C ALA D 56 -10.51 -37.37 -17.62
N VAL D 57 -10.63 -36.46 -16.66
CA VAL D 57 -11.84 -35.70 -16.42
C VAL D 57 -11.65 -34.31 -16.99
N TYR D 58 -12.69 -33.77 -17.62
CA TYR D 58 -12.63 -32.47 -18.27
C TYR D 58 -13.71 -31.54 -17.72
N ALA D 59 -13.32 -30.32 -17.37
CA ALA D 59 -14.26 -29.26 -17.03
C ALA D 59 -14.60 -28.55 -18.33
N VAL D 60 -15.64 -29.02 -19.00
CA VAL D 60 -15.99 -28.56 -20.34
C VAL D 60 -16.95 -27.38 -20.23
N GLY D 61 -16.49 -26.20 -20.66
CA GLY D 61 -17.34 -25.02 -20.67
C GLY D 61 -18.16 -24.95 -21.94
N TYR D 62 -19.44 -24.60 -21.77
CA TYR D 62 -20.43 -24.53 -22.85
C TYR D 62 -20.62 -25.86 -23.57
N ASP D 63 -20.10 -26.96 -23.01
CA ASP D 63 -20.16 -28.28 -23.64
C ASP D 63 -19.55 -28.25 -25.05
N GLY D 64 -18.49 -27.47 -25.22
CA GLY D 64 -17.88 -27.30 -26.52
C GLY D 64 -16.38 -27.08 -26.48
N GLY D 65 -15.82 -26.90 -25.29
CA GLY D 65 -14.39 -26.66 -25.15
C GLY D 65 -13.91 -27.05 -23.78
N ILE D 66 -12.70 -27.58 -23.73
CA ILE D 66 -12.10 -28.05 -22.48
C ILE D 66 -11.41 -26.87 -21.81
N THR D 67 -11.95 -26.44 -20.66
CA THR D 67 -11.32 -25.38 -19.88
C THR D 67 -10.10 -25.90 -19.13
N GLU D 68 -10.29 -26.95 -18.33
CA GLU D 68 -9.21 -27.55 -17.57
C GLU D 68 -9.45 -29.06 -17.51
N GLY D 69 -8.57 -29.75 -16.79
CA GLY D 69 -8.72 -31.18 -16.64
C GLY D 69 -7.58 -31.88 -15.92
N MET D 70 -7.84 -33.10 -15.47
CA MET D 70 -6.84 -33.92 -14.79
C MET D 70 -6.90 -35.32 -15.37
N ASN D 71 -5.76 -35.88 -15.71
CA ASN D 71 -5.72 -37.25 -16.21
C ASN D 71 -5.44 -38.23 -15.08
N GLU D 72 -5.50 -39.52 -15.43
CA GLU D 72 -5.28 -40.58 -14.45
C GLU D 72 -3.85 -40.69 -13.98
N MET D 73 -2.92 -39.90 -14.53
CA MET D 73 -1.54 -39.89 -14.11
C MET D 73 -1.22 -38.77 -13.13
N GLY D 74 -2.20 -37.93 -12.80
CA GLY D 74 -1.98 -36.81 -11.92
C GLY D 74 -1.61 -35.51 -12.60
N LEU D 75 -1.60 -35.49 -13.93
CA LEU D 75 -1.28 -34.27 -14.67
C LEU D 75 -2.49 -33.35 -14.70
N VAL D 76 -2.28 -32.09 -14.30
CA VAL D 76 -3.35 -31.10 -14.24
C VAL D 76 -2.98 -29.93 -15.14
N ILE D 77 -3.94 -29.50 -15.96
CA ILE D 77 -3.76 -28.37 -16.86
C ILE D 77 -4.94 -27.43 -16.66
N ASN D 78 -4.65 -26.17 -16.34
CA ASN D 78 -5.67 -25.14 -16.18
C ASN D 78 -5.47 -24.06 -17.23
N GLY D 79 -6.57 -23.58 -17.80
CA GLY D 79 -6.50 -22.51 -18.77
C GLY D 79 -7.03 -21.19 -18.24
N LEU D 80 -6.23 -20.14 -18.33
CA LEU D 80 -6.59 -18.84 -17.80
C LEU D 80 -6.47 -17.78 -18.90
N PHE D 81 -7.36 -16.79 -18.84
CA PHE D 81 -7.40 -15.73 -19.84
C PHE D 81 -6.13 -14.89 -19.80
N CYS D 82 -5.74 -14.38 -20.97
CA CYS D 82 -4.58 -13.51 -21.08
C CYS D 82 -4.83 -12.54 -22.23
N LYS D 83 -4.68 -11.25 -21.96
CA LYS D 83 -5.12 -10.24 -22.91
C LYS D 83 -4.16 -10.11 -24.08
N GLY D 84 -2.86 -10.25 -23.83
CA GLY D 84 -1.86 -9.99 -24.84
C GLY D 84 -1.33 -11.22 -25.56
N THR D 85 -2.09 -12.31 -25.53
CA THR D 85 -1.63 -13.54 -26.15
C THR D 85 -1.93 -13.54 -27.64
N VAL D 86 -0.91 -13.80 -28.45
CA VAL D 86 -1.03 -13.95 -29.90
C VAL D 86 -0.54 -15.35 -30.24
N TYR D 87 -1.44 -16.19 -30.74
CA TYR D 87 -1.14 -17.61 -30.90
C TYR D 87 -0.27 -17.89 -32.12
N ASN D 88 -0.57 -17.27 -33.25
CA ASN D 88 0.08 -17.59 -34.51
C ASN D 88 0.84 -16.40 -35.06
N ASN D 89 1.88 -16.70 -35.84
CA ASN D 89 2.67 -15.69 -36.54
C ASN D 89 2.93 -16.19 -37.95
N GLY D 90 3.97 -15.66 -38.59
CA GLY D 90 4.31 -16.08 -39.94
C GLY D 90 4.98 -17.44 -40.01
N ASP D 91 5.58 -17.90 -38.90
CA ASP D 91 6.25 -19.18 -38.87
C ASP D 91 5.31 -20.34 -38.59
N THR D 92 4.21 -20.09 -37.88
CA THR D 92 3.25 -21.14 -37.54
C THR D 92 2.24 -21.36 -38.67
N PRO D 96 -0.24 -27.94 -38.82
CA PRO D 96 -1.55 -28.53 -38.55
C PRO D 96 -2.38 -27.69 -37.57
N PRO D 97 -3.65 -27.45 -37.89
CA PRO D 97 -4.49 -26.62 -37.03
C PRO D 97 -4.90 -27.37 -35.78
N MET D 98 -4.74 -26.72 -34.62
CA MET D 98 -5.12 -27.28 -33.33
C MET D 98 -6.12 -26.33 -32.69
N SER D 99 -7.37 -26.77 -32.56
CA SER D 99 -8.41 -25.94 -31.97
C SER D 99 -8.24 -25.85 -30.46
N LEU D 100 -8.59 -24.69 -29.91
CA LEU D 100 -8.48 -24.48 -28.47
C LEU D 100 -9.49 -25.31 -27.69
N ALA D 101 -10.56 -25.79 -28.34
CA ALA D 101 -11.58 -26.57 -27.65
C ALA D 101 -11.02 -27.91 -27.16
N VAL D 102 -10.03 -28.46 -27.86
CA VAL D 102 -9.45 -29.74 -27.50
C VAL D 102 -7.96 -29.64 -27.23
N PHE D 103 -7.42 -28.42 -27.13
CA PHE D 103 -5.99 -28.25 -26.90
C PHE D 103 -5.59 -28.76 -25.50
N VAL D 104 -6.43 -28.52 -24.50
CA VAL D 104 -6.14 -29.00 -23.16
C VAL D 104 -6.24 -30.52 -23.09
N GLY D 105 -7.25 -31.08 -23.77
CA GLY D 105 -7.42 -32.53 -23.74
C GLY D 105 -6.32 -33.27 -24.48
N TRP D 106 -5.87 -32.71 -25.62
CA TRP D 106 -4.81 -33.36 -26.38
C TRP D 106 -3.54 -33.53 -25.56
N LEU D 107 -3.22 -32.54 -24.73
CA LEU D 107 -2.06 -32.66 -23.85
C LEU D 107 -2.32 -33.63 -22.71
N LEU D 108 -3.54 -33.63 -22.18
CA LEU D 108 -3.89 -34.54 -21.08
C LEU D 108 -4.05 -35.97 -21.56
N ASP D 109 -4.36 -36.18 -22.84
CA ASP D 109 -4.58 -37.53 -23.34
C ASP D 109 -3.27 -38.24 -23.69
N MET D 110 -2.29 -37.50 -24.21
CA MET D 110 -1.07 -38.10 -24.74
C MET D 110 0.14 -37.92 -23.83
N ASN D 111 -0.01 -37.30 -22.67
CA ASN D 111 1.12 -37.03 -21.79
C ASN D 111 0.78 -37.42 -20.35
N ALA D 112 1.81 -37.79 -19.61
CA ALA D 112 1.68 -38.21 -18.22
C ALA D 112 2.40 -37.30 -17.24
N THR D 113 3.47 -36.62 -17.66
CA THR D 113 4.24 -35.74 -16.79
C THR D 113 4.29 -34.33 -17.40
N THR D 114 4.64 -33.37 -16.55
CA THR D 114 4.82 -32.00 -17.03
C THR D 114 5.98 -31.90 -18.00
N GLN D 115 7.04 -32.69 -17.79
CA GLN D 115 8.17 -32.69 -18.71
C GLN D 115 7.76 -33.19 -20.10
N GLN D 116 6.79 -34.11 -20.17
CA GLN D 116 6.32 -34.60 -21.47
C GLN D 116 5.55 -33.53 -22.22
N CYS D 117 4.81 -32.67 -21.51
CA CYS D 117 4.09 -31.60 -22.17
C CYS D 117 5.04 -30.53 -22.70
N VAL D 118 6.15 -30.28 -21.99
CA VAL D 118 7.11 -29.28 -22.44
C VAL D 118 7.82 -29.74 -23.71
N ASP D 119 8.16 -31.03 -23.77
CA ASP D 119 8.86 -31.56 -24.94
C ASP D 119 7.98 -31.48 -26.18
N VAL D 120 6.69 -31.78 -26.05
CA VAL D 120 5.80 -31.74 -27.20
C VAL D 120 5.54 -30.30 -27.62
N LEU D 121 5.29 -29.42 -26.67
CA LEU D 121 5.03 -28.02 -27.00
C LEU D 121 6.27 -27.33 -27.54
N LYS D 122 7.46 -27.78 -27.14
CA LYS D 122 8.69 -27.19 -27.67
C LYS D 122 8.84 -27.46 -29.16
N GLU D 123 8.29 -28.56 -29.65
CA GLU D 123 8.32 -28.83 -31.09
C GLU D 123 7.48 -27.82 -31.85
N HIS D 124 6.30 -27.48 -31.31
CA HIS D 124 5.40 -26.48 -31.89
C HIS D 124 5.05 -26.84 -33.34
N ASN D 125 4.69 -28.11 -33.55
CA ASN D 125 4.28 -28.60 -34.86
C ASN D 125 2.80 -28.41 -35.11
N PHE D 126 2.24 -27.26 -34.73
CA PHE D 126 0.82 -27.02 -34.87
C PHE D 126 0.56 -25.52 -34.85
N SER D 127 -0.62 -25.14 -35.35
CA SER D 127 -1.09 -23.76 -35.32
C SER D 127 -2.40 -23.72 -34.53
N ILE D 128 -2.51 -22.72 -33.65
CA ILE D 128 -3.67 -22.61 -32.78
C ILE D 128 -4.80 -21.87 -33.49
N SER D 139 -10.34 -16.04 -28.33
CA SER D 139 -10.14 -16.22 -26.89
C SER D 139 -8.66 -16.45 -26.57
N ALA D 140 -7.95 -15.36 -26.31
CA ALA D 140 -6.53 -15.45 -25.98
C ALA D 140 -6.36 -15.88 -24.52
N LEU D 141 -5.51 -16.90 -24.30
CA LEU D 141 -5.37 -17.48 -22.98
C LEU D 141 -4.00 -18.12 -22.84
N HIS D 142 -3.64 -18.42 -21.59
CA HIS D 142 -2.40 -19.13 -21.27
C HIS D 142 -2.69 -20.19 -20.24
N TRP D 143 -1.78 -21.15 -20.11
CA TRP D 143 -2.03 -22.36 -19.33
C TRP D 143 -0.99 -22.56 -18.24
N GLY D 144 -1.38 -23.33 -17.23
CA GLY D 144 -0.49 -23.76 -16.16
C GLY D 144 -0.59 -25.26 -15.95
N ILE D 145 0.52 -25.96 -16.13
CA ILE D 145 0.55 -27.43 -16.15
C ILE D 145 1.33 -27.91 -14.93
N THR D 146 0.78 -28.92 -14.26
CA THR D 146 1.42 -29.52 -13.09
C THR D 146 1.19 -31.02 -13.10
N ASP D 147 2.26 -31.79 -12.86
CA ASP D 147 2.17 -33.23 -12.75
C ASP D 147 2.22 -33.67 -11.29
N SER D 148 1.98 -34.97 -11.06
CA SER D 148 1.89 -35.51 -9.71
C SER D 148 3.15 -35.25 -8.88
N THR D 149 4.30 -35.08 -9.53
CA THR D 149 5.54 -34.83 -8.81
C THR D 149 5.65 -33.42 -8.26
N GLY D 150 4.69 -32.54 -8.57
CA GLY D 150 4.75 -31.16 -8.16
C GLY D 150 5.40 -30.23 -9.16
N HIS D 151 6.04 -30.76 -10.20
CA HIS D 151 6.65 -29.94 -11.24
C HIS D 151 5.57 -29.15 -11.98
N SER D 152 5.68 -27.82 -11.96
CA SER D 152 4.70 -26.94 -12.57
C SER D 152 5.38 -25.94 -13.48
N VAL D 153 4.71 -25.63 -14.60
CA VAL D 153 5.21 -24.65 -15.57
C VAL D 153 4.05 -23.76 -15.99
N VAL D 154 4.39 -22.70 -16.73
CA VAL D 154 3.42 -21.77 -17.30
C VAL D 154 3.68 -21.66 -18.79
N VAL D 155 2.68 -21.96 -19.60
CA VAL D 155 2.78 -21.92 -21.05
C VAL D 155 2.08 -20.66 -21.54
N GLU D 156 2.81 -19.86 -22.33
CA GLU D 156 2.27 -18.61 -22.85
C GLU D 156 2.70 -18.45 -24.31
N PHE D 157 1.80 -17.89 -25.12
CA PHE D 157 2.06 -17.63 -26.53
C PHE D 157 2.37 -16.15 -26.70
N ASP D 158 3.64 -15.85 -27.01
CA ASP D 158 4.10 -14.47 -27.18
C ASP D 158 4.36 -14.25 -28.67
N HIS D 159 3.34 -13.73 -29.37
CA HIS D 159 3.43 -13.39 -30.79
C HIS D 159 3.84 -14.61 -31.62
N GLY D 160 3.14 -15.72 -31.42
CA GLY D 160 3.37 -16.95 -32.13
C GLY D 160 4.36 -17.89 -31.49
N ASP D 161 5.36 -17.35 -30.78
CA ASP D 161 6.37 -18.19 -30.14
C ASP D 161 5.86 -18.69 -28.80
N ILE D 162 6.12 -19.96 -28.51
CA ILE D 162 5.67 -20.59 -27.28
C ILE D 162 6.76 -20.39 -26.22
N ARG D 163 6.39 -19.74 -25.12
CA ARG D 163 7.28 -19.51 -23.99
C ARG D 163 6.86 -20.42 -22.84
N ILE D 164 7.80 -21.22 -22.34
CA ILE D 164 7.57 -22.11 -21.21
C ILE D 164 8.48 -21.67 -20.08
N TYR D 165 7.87 -21.36 -18.93
CA TYR D 165 8.61 -20.88 -17.77
C TYR D 165 8.46 -21.87 -16.61
N GLU D 166 9.54 -22.03 -15.85
CA GLU D 166 9.49 -22.87 -14.66
C GLU D 166 8.92 -22.07 -13.49
N MET D 167 7.83 -22.58 -12.90
CA MET D 167 7.27 -21.91 -11.74
C MET D 167 8.18 -22.02 -10.53
N GLY D 168 8.89 -23.14 -10.38
CA GLY D 168 9.84 -23.33 -9.31
C GLY D 168 9.26 -23.11 -7.93
N GLU D 169 9.62 -21.98 -7.30
CA GLU D 169 9.12 -21.63 -5.98
C GLU D 169 7.81 -20.87 -6.02
N TYR D 170 7.41 -20.33 -7.18
CA TYR D 170 6.16 -19.61 -7.27
C TYR D 170 4.98 -20.57 -7.20
N ARG D 171 3.90 -20.14 -6.55
CA ARG D 171 2.74 -20.99 -6.30
C ARG D 171 1.48 -20.52 -6.99
N ALA D 172 1.34 -19.22 -7.26
CA ALA D 172 0.11 -18.65 -7.81
C ALA D 172 0.30 -18.30 -9.27
N MET D 173 -0.83 -18.14 -9.96
CA MET D 173 -0.84 -17.80 -11.38
C MET D 173 -2.21 -17.23 -11.71
N THR D 174 -2.23 -16.03 -12.28
CA THR D 174 -3.49 -15.39 -12.67
C THR D 174 -3.50 -15.08 -14.16
N ASN D 175 -3.92 -13.86 -14.51
CA ASN D 175 -4.04 -13.47 -15.91
C ASN D 175 -2.84 -12.66 -16.37
N ASP D 176 -3.05 -11.36 -16.60
CA ASP D 176 -2.02 -10.44 -17.06
C ASP D 176 -1.33 -9.77 -15.88
N PRO D 177 -0.08 -9.33 -16.06
CA PRO D 177 0.74 -9.38 -17.27
C PRO D 177 1.41 -10.74 -17.47
N ASN D 178 2.42 -10.81 -18.33
CA ASN D 178 3.10 -12.07 -18.59
C ASN D 178 3.86 -12.53 -17.34
N TRP D 179 4.36 -13.77 -17.40
CA TRP D 179 5.02 -14.36 -16.24
C TRP D 179 6.25 -13.59 -15.79
N PRO D 180 7.15 -13.12 -16.66
CA PRO D 180 8.29 -12.33 -16.17
C PRO D 180 7.87 -11.09 -15.40
N ALA D 181 6.91 -10.31 -15.94
CA ALA D 181 6.41 -9.15 -15.22
C ALA D 181 5.61 -9.52 -13.99
N MET D 182 5.04 -10.73 -13.95
CA MET D 182 4.29 -11.16 -12.78
C MET D 182 5.22 -11.57 -11.65
N THR D 183 6.33 -12.25 -11.98
CA THR D 183 7.28 -12.64 -10.95
C THR D 183 8.00 -11.45 -10.35
N ALA D 184 8.18 -10.38 -11.13
CA ALA D 184 8.78 -9.17 -10.59
C ALA D 184 7.87 -8.50 -9.58
N ILE D 185 6.57 -8.44 -9.87
CA ILE D 185 5.62 -7.87 -8.93
C ILE D 185 5.53 -8.72 -7.67
N ILE D 186 5.54 -10.05 -7.84
CA ILE D 186 5.51 -10.94 -6.68
C ILE D 186 6.78 -10.76 -5.85
N ASP D 187 7.94 -10.73 -6.51
CA ASP D 187 9.19 -10.52 -5.80
C ASP D 187 9.25 -9.13 -5.17
N TYR D 188 8.67 -8.14 -5.83
CA TYR D 188 8.61 -6.79 -5.25
C TYR D 188 7.80 -6.80 -3.96
N TRP D 189 6.64 -7.46 -3.97
CA TRP D 189 5.82 -7.55 -2.77
C TRP D 189 6.41 -8.50 -1.74
N ASP D 190 7.27 -9.44 -2.17
CA ASP D 190 7.92 -10.33 -1.22
C ASP D 190 8.90 -9.59 -0.32
N LYS D 191 9.55 -8.55 -0.85
CA LYS D 191 10.47 -7.76 -0.04
C LYS D 191 9.73 -6.97 1.04
N ILE D 192 8.52 -6.49 0.71
CA ILE D 192 7.71 -5.79 1.70
C ILE D 192 7.32 -6.73 2.83
N GLY D 193 7.02 -7.99 2.49
CA GLY D 193 6.59 -8.95 3.48
C GLY D 193 5.08 -9.03 3.58
N GLY D 194 4.52 -10.18 3.20
CA GLY D 194 3.08 -10.35 3.28
C GLY D 194 2.52 -10.24 4.68
N GLN D 195 3.34 -10.49 5.70
CA GLN D 195 2.91 -10.30 7.07
C GLN D 195 2.68 -8.83 7.39
N ASN D 196 3.18 -7.92 6.56
CA ASN D 196 3.08 -6.48 6.77
C ASN D 196 1.99 -5.84 5.91
N MET D 197 1.99 -6.11 4.62
CA MET D 197 1.00 -5.50 3.72
C MET D 197 0.89 -6.35 2.46
N LEU D 198 -0.32 -6.46 1.94
CA LEU D 198 -0.62 -7.18 0.71
C LEU D 198 -1.59 -6.37 -0.12
N PRO D 199 -1.54 -6.52 -1.45
CA PRO D 199 -2.52 -5.83 -2.30
C PRO D 199 -3.89 -6.51 -2.22
N GLY D 200 -4.90 -5.76 -1.81
CA GLY D 200 -6.22 -6.28 -1.56
C GLY D 200 -7.22 -6.13 -2.66
N GLY D 201 -6.83 -5.60 -3.82
CA GLY D 201 -7.75 -5.43 -4.92
C GLY D 201 -8.14 -6.76 -5.54
N VAL D 202 -8.87 -6.66 -6.65
CA VAL D 202 -9.30 -7.82 -7.42
C VAL D 202 -8.50 -7.98 -8.70
N THR D 203 -7.52 -7.12 -8.96
CA THR D 203 -6.71 -7.22 -10.17
C THR D 203 -5.88 -8.51 -10.15
N SER D 204 -5.43 -8.89 -11.34
CA SER D 204 -4.65 -10.13 -11.47
C SER D 204 -3.35 -10.09 -10.68
N PRO D 205 -2.54 -9.03 -10.72
CA PRO D 205 -1.34 -9.01 -9.86
C PRO D 205 -1.66 -9.08 -8.38
N SER D 206 -2.71 -8.37 -7.93
CA SER D 206 -3.07 -8.38 -6.52
C SER D 206 -3.49 -9.77 -6.07
N ARG D 207 -4.30 -10.46 -6.88
CA ARG D 207 -4.74 -11.80 -6.53
C ARG D 207 -3.59 -12.79 -6.57
N CYS D 208 -2.68 -12.63 -7.54
CA CYS D 208 -1.55 -13.55 -7.66
C CYS D 208 -0.57 -13.39 -6.52
N VAL D 209 -0.41 -12.17 -6.01
CA VAL D 209 0.51 -11.95 -4.89
C VAL D 209 -0.05 -12.53 -3.60
N ARG D 210 -1.35 -12.33 -3.35
CA ARG D 210 -1.96 -12.85 -2.13
C ARG D 210 -1.95 -14.38 -2.13
N ALA D 211 -2.35 -14.99 -3.25
CA ALA D 211 -2.41 -16.45 -3.31
C ALA D 211 -1.02 -17.05 -3.16
N ASN D 212 0.00 -16.41 -3.75
CA ASN D 212 1.36 -16.93 -3.64
C ASN D 212 1.89 -16.81 -2.22
N TYR D 213 1.57 -15.71 -1.53
CA TYR D 213 2.01 -15.54 -0.15
C TYR D 213 1.38 -16.57 0.76
N PHE D 214 0.06 -16.74 0.68
CA PHE D 214 -0.63 -17.67 1.56
C PHE D 214 -0.24 -19.12 1.26
N ALA D 215 0.02 -19.45 -0.01
CA ALA D 215 0.44 -20.79 -0.35
C ALA D 215 1.82 -21.15 0.20
N HIS D 216 2.59 -20.15 0.64
CA HIS D 216 3.87 -20.38 1.28
C HIS D 216 3.79 -20.39 2.80
N HIS D 217 2.63 -20.05 3.38
CA HIS D 217 2.53 -19.82 4.81
C HIS D 217 1.41 -20.60 5.47
N VAL D 218 0.72 -21.47 4.74
CA VAL D 218 -0.25 -22.38 5.33
C VAL D 218 0.46 -23.68 5.68
N LYS D 219 0.03 -24.31 6.76
CA LYS D 219 0.68 -25.52 7.24
C LYS D 219 0.40 -26.68 6.29
N PRO D 220 1.40 -27.25 5.64
CA PRO D 220 1.16 -28.38 4.74
C PRO D 220 0.94 -29.67 5.52
N THR D 221 0.02 -30.49 5.02
CA THR D 221 -0.38 -31.71 5.69
C THR D 221 -0.37 -32.88 4.71
N ALA D 222 -0.43 -34.09 5.28
CA ALA D 222 -0.59 -35.31 4.50
C ALA D 222 -2.03 -35.76 4.38
N ASP D 223 -2.94 -35.11 5.09
CA ASP D 223 -4.36 -35.43 5.01
C ASP D 223 -4.91 -34.88 3.70
N PRO D 224 -5.37 -35.71 2.76
CA PRO D 224 -5.89 -35.18 1.49
C PRO D 224 -7.13 -34.32 1.67
N ASP D 225 -7.96 -34.60 2.68
CA ASP D 225 -9.14 -33.79 2.92
C ASP D 225 -8.77 -32.43 3.50
N LEU D 226 -7.83 -32.40 4.44
CA LEU D 226 -7.37 -31.13 5.00
C LEU D 226 -6.64 -30.30 3.95
N ALA D 227 -5.95 -30.95 3.01
CA ALA D 227 -5.26 -30.22 1.95
C ALA D 227 -6.24 -29.46 1.07
N VAL D 228 -7.35 -30.09 0.72
CA VAL D 228 -8.34 -29.44 -0.15
C VAL D 228 -9.03 -28.30 0.58
N SER D 229 -9.26 -28.46 1.89
CA SER D 229 -9.86 -27.39 2.67
C SER D 229 -8.92 -26.20 2.78
N ILE D 230 -7.62 -26.45 3.01
CA ILE D 230 -6.65 -25.37 3.06
C ILE D 230 -6.53 -24.70 1.70
N THR D 231 -6.43 -25.50 0.64
CA THR D 231 -6.37 -24.95 -0.71
C THR D 231 -7.61 -24.12 -1.03
N ARG D 232 -8.78 -24.57 -0.54
CA ARG D 232 -10.00 -23.81 -0.76
C ARG D 232 -9.94 -22.46 -0.05
N SER D 233 -9.40 -22.43 1.17
CA SER D 233 -9.32 -21.17 1.91
C SER D 233 -8.41 -20.16 1.23
N ILE D 234 -7.39 -20.64 0.52
CA ILE D 234 -6.51 -19.72 -0.20
C ILE D 234 -7.20 -19.21 -1.46
N VAL D 235 -7.84 -20.11 -2.20
CA VAL D 235 -8.52 -19.71 -3.43
C VAL D 235 -9.72 -18.82 -3.11
N ALA D 236 -10.42 -19.12 -2.01
CA ALA D 236 -11.55 -18.29 -1.62
C ALA D 236 -11.12 -16.89 -1.22
N ASP D 237 -9.92 -16.75 -0.65
CA ASP D 237 -9.41 -15.42 -0.31
C ASP D 237 -9.01 -14.64 -1.55
N ALA D 238 -8.61 -15.34 -2.62
CA ALA D 238 -8.24 -14.70 -3.88
C ALA D 238 -9.39 -14.66 -4.87
N SER D 239 -10.60 -14.99 -4.45
CA SER D 239 -11.76 -14.95 -5.32
C SER D 239 -12.42 -13.58 -5.26
N VAL D 240 -12.99 -13.17 -6.38
CA VAL D 240 -13.69 -11.89 -6.46
C VAL D 240 -15.11 -12.08 -5.95
N PRO D 241 -15.62 -11.20 -5.10
CA PRO D 241 -17.00 -11.35 -4.59
C PRO D 241 -18.01 -11.44 -5.73
N TYR D 242 -19.04 -12.24 -5.49
CA TYR D 242 -20.06 -12.45 -6.51
C TYR D 242 -20.84 -11.17 -6.77
N THR D 243 -21.23 -10.96 -8.03
CA THR D 243 -21.92 -9.80 -8.56
C THR D 243 -21.05 -8.55 -8.59
N TYR D 244 -19.77 -8.64 -8.23
CA TYR D 244 -18.87 -7.50 -8.31
C TYR D 244 -18.26 -7.38 -9.70
N SER D 253 -13.64 -10.24 -12.91
CA SER D 253 -15.04 -10.09 -12.53
C SER D 253 -15.45 -11.14 -11.51
N SER D 254 -16.75 -11.37 -11.38
CA SER D 254 -17.27 -12.25 -10.34
C SER D 254 -16.80 -13.68 -10.53
N THR D 255 -16.43 -14.32 -9.43
CA THR D 255 -16.03 -15.72 -9.47
C THR D 255 -17.26 -16.61 -9.64
N GLN D 256 -17.22 -17.48 -10.65
CA GLN D 256 -18.35 -18.35 -10.97
C GLN D 256 -18.24 -19.72 -10.32
N TRP D 257 -17.09 -20.38 -10.45
CA TRP D 257 -16.89 -21.67 -9.82
C TRP D 257 -15.41 -21.85 -9.52
N ARG D 258 -15.12 -22.82 -8.63
CA ARG D 258 -13.77 -23.14 -8.24
C ARG D 258 -13.54 -24.64 -8.37
N SER D 259 -12.32 -25.02 -8.75
CA SER D 259 -11.96 -26.42 -8.93
C SER D 259 -10.69 -26.72 -8.13
N PHE D 260 -10.60 -27.96 -7.66
CA PHE D 260 -9.45 -28.41 -6.89
C PHE D 260 -9.11 -29.83 -7.31
N ALA D 261 -7.87 -30.04 -7.72
CA ALA D 261 -7.42 -31.34 -8.22
C ALA D 261 -6.42 -31.93 -7.24
N ASP D 262 -6.75 -33.09 -6.69
CA ASP D 262 -5.84 -33.84 -5.82
C ASP D 262 -5.00 -34.74 -6.73
N LEU D 263 -3.71 -34.43 -6.85
CA LEU D 263 -2.87 -35.10 -7.83
C LEU D 263 -2.49 -36.50 -7.38
N LYS D 264 -2.25 -36.69 -6.08
CA LYS D 264 -1.81 -37.99 -5.60
C LYS D 264 -2.96 -38.99 -5.56
N ASN D 265 -4.13 -38.55 -5.11
CA ASN D 265 -5.28 -39.42 -4.95
C ASN D 265 -6.22 -39.41 -6.15
N LEU D 266 -5.92 -38.60 -7.18
CA LEU D 266 -6.71 -38.55 -8.41
C LEU D 266 -8.17 -38.20 -8.14
N ARG D 267 -8.37 -37.14 -7.35
CA ARG D 267 -9.69 -36.59 -7.09
C ARG D 267 -9.77 -35.18 -7.68
N TYR D 268 -10.87 -34.89 -8.36
CA TYR D 268 -11.11 -33.58 -8.96
C TYR D 268 -12.34 -32.96 -8.31
N TYR D 269 -12.12 -32.00 -7.42
CA TYR D 269 -13.22 -31.32 -6.76
C TYR D 269 -13.80 -30.23 -7.67
N PHE D 270 -15.04 -29.84 -7.37
CA PHE D 270 -15.75 -28.86 -8.17
C PHE D 270 -16.92 -28.34 -7.36
N ASP D 271 -17.11 -27.02 -7.38
CA ASP D 271 -18.23 -26.42 -6.69
C ASP D 271 -18.58 -25.08 -7.34
N ILE D 272 -19.87 -24.80 -7.41
CA ILE D 272 -20.36 -23.50 -7.87
C ILE D 272 -20.52 -22.61 -6.64
N VAL D 273 -20.11 -21.35 -6.76
CA VAL D 273 -20.06 -20.46 -5.61
C VAL D 273 -21.45 -20.26 -5.01
N THR D 274 -22.50 -20.32 -5.83
CA THR D 274 -23.85 -20.14 -5.35
C THR D 274 -24.48 -21.42 -4.82
N ASP D 275 -23.85 -22.58 -5.04
CA ASP D 275 -24.37 -23.83 -4.53
C ASP D 275 -24.07 -23.98 -3.05
N SER D 276 -24.57 -25.06 -2.45
CA SER D 276 -24.43 -25.30 -1.03
C SER D 276 -23.48 -26.45 -0.69
N GLY D 277 -22.90 -27.10 -1.69
CA GLY D 277 -22.02 -28.23 -1.43
C GLY D 277 -20.90 -28.30 -2.44
N ILE D 278 -19.84 -29.01 -2.06
CA ILE D 278 -18.67 -29.23 -2.89
C ILE D 278 -18.47 -30.73 -3.04
N TYR D 279 -18.49 -31.21 -4.28
CA TYR D 279 -18.32 -32.62 -4.58
C TYR D 279 -17.04 -32.83 -5.39
N TYR D 280 -16.68 -34.10 -5.59
CA TYR D 280 -15.49 -34.45 -6.34
C TYR D 280 -15.75 -35.72 -7.14
N VAL D 281 -14.87 -35.97 -8.10
CA VAL D 281 -14.89 -37.18 -8.91
C VAL D 281 -13.61 -37.94 -8.64
N ASP D 282 -13.74 -39.21 -8.25
CA ASP D 282 -12.60 -40.05 -7.92
C ASP D 282 -12.29 -40.93 -9.13
N LEU D 283 -11.22 -40.60 -9.85
CA LEU D 283 -10.85 -41.37 -11.03
C LEU D 283 -10.41 -42.78 -10.71
N THR D 284 -9.96 -43.03 -9.47
CA THR D 284 -9.51 -44.36 -9.10
C THR D 284 -10.67 -45.35 -8.97
N ARG D 285 -11.90 -44.86 -8.87
CA ARG D 285 -13.08 -45.71 -8.74
C ARG D 285 -13.94 -45.68 -10.00
N LEU D 286 -13.33 -45.43 -11.15
CA LEU D 286 -14.04 -45.36 -12.42
C LEU D 286 -13.36 -46.27 -13.44
N ASP D 287 -14.15 -46.77 -14.39
CA ASP D 287 -13.66 -47.63 -15.46
C ASP D 287 -13.19 -46.75 -16.61
N LEU D 288 -11.88 -46.70 -16.81
CA LEU D 288 -11.29 -45.88 -17.87
C LEU D 288 -10.64 -46.72 -18.97
N TYR D 289 -10.95 -48.01 -19.00
CA TYR D 289 -10.37 -48.90 -20.00
C TYR D 289 -10.92 -48.57 -21.39
N PRO D 290 -10.19 -48.94 -22.44
CA PRO D 290 -10.69 -48.73 -23.82
C PRO D 290 -12.02 -49.44 -24.03
N GLY D 291 -13.03 -48.67 -24.42
CA GLY D 291 -14.37 -49.17 -24.60
C GLY D 291 -15.35 -48.71 -23.54
N ALA D 292 -14.87 -48.15 -22.43
CA ALA D 292 -15.74 -47.63 -21.40
C ALA D 292 -16.56 -46.46 -21.92
N PRO D 293 -17.74 -46.21 -21.36
CA PRO D 293 -18.57 -45.10 -21.82
C PRO D 293 -18.10 -43.77 -21.27
N VAL D 294 -18.47 -42.71 -21.99
CA VAL D 294 -18.16 -41.35 -21.57
C VAL D 294 -19.18 -40.92 -20.51
N LEU D 295 -18.68 -40.53 -19.34
CA LEU D 295 -19.53 -40.09 -18.24
C LEU D 295 -19.58 -38.57 -18.20
N LYS D 296 -20.79 -38.03 -17.99
CA LYS D 296 -20.99 -36.60 -17.92
C LYS D 296 -21.75 -36.26 -16.64
N LEU D 297 -21.33 -35.18 -15.99
CA LEU D 297 -21.96 -34.71 -14.76
C LEU D 297 -22.54 -33.32 -15.02
N ASP D 298 -23.87 -33.23 -15.02
CA ASP D 298 -24.55 -31.96 -15.24
C ASP D 298 -24.51 -31.17 -13.94
N THR D 299 -23.70 -30.10 -13.92
CA THR D 299 -23.54 -29.32 -12.71
C THR D 299 -24.77 -28.51 -12.35
N SER D 300 -25.71 -28.33 -13.29
CA SER D 300 -26.94 -27.61 -13.01
C SER D 300 -27.90 -28.41 -12.15
N LYS D 301 -27.67 -29.72 -11.98
CA LYS D 301 -28.54 -30.57 -11.18
C LYS D 301 -27.94 -30.97 -9.85
N ALA D 302 -26.67 -30.67 -9.62
CA ALA D 302 -26.00 -31.03 -8.37
C ALA D 302 -25.81 -29.79 -7.49
N THR D 303 -26.94 -29.17 -7.14
CA THR D 303 -26.91 -27.96 -6.32
C THR D 303 -26.67 -28.26 -4.85
N ASN D 304 -27.02 -29.46 -4.39
CA ASN D 304 -26.87 -29.82 -2.98
C ASN D 304 -26.01 -31.07 -2.79
N LEU D 305 -25.13 -31.36 -3.74
CA LEU D 305 -24.33 -32.59 -3.70
C LEU D 305 -22.99 -32.32 -3.02
N THR D 306 -22.61 -33.22 -2.11
CA THR D 306 -21.31 -33.18 -1.45
C THR D 306 -20.65 -34.55 -1.57
N GLY D 307 -19.43 -34.66 -1.07
CA GLY D 307 -18.69 -35.90 -1.10
C GLY D 307 -18.41 -36.37 -2.52
N CYS D 308 -18.14 -37.67 -2.63
CA CYS D 308 -17.88 -38.26 -3.93
C CYS D 308 -19.14 -38.25 -4.78
N ALA D 309 -19.01 -37.78 -6.02
CA ALA D 309 -20.13 -37.69 -6.95
C ALA D 309 -20.02 -38.70 -8.08
N ASN D 310 -19.31 -39.80 -7.85
CA ASN D 310 -19.17 -40.83 -8.87
C ASN D 310 -20.50 -41.50 -9.17
N SER D 311 -21.31 -41.73 -8.13
CA SER D 311 -22.61 -42.37 -8.32
C SER D 311 -23.57 -41.53 -9.15
N HIS D 312 -23.36 -40.21 -9.21
CA HIS D 312 -24.21 -39.32 -9.98
C HIS D 312 -23.66 -39.05 -11.38
N LEU D 313 -22.60 -39.75 -11.78
CA LEU D 313 -22.02 -39.58 -13.11
C LEU D 313 -22.83 -40.42 -14.10
N LYS D 314 -23.78 -39.77 -14.77
CA LYS D 314 -24.61 -40.47 -15.74
C LYS D 314 -23.87 -40.66 -17.05
N ARG D 315 -24.16 -41.77 -17.72
CA ARG D 315 -23.54 -42.06 -19.01
C ARG D 315 -24.07 -41.11 -20.08
N SER D 316 -23.18 -40.67 -20.95
CA SER D 316 -23.56 -39.71 -21.99
C SER D 316 -22.62 -39.90 -23.18
N ALA D 317 -22.71 -38.99 -24.14
CA ALA D 317 -21.92 -38.99 -25.36
C ALA D 317 -20.81 -37.96 -25.26
N PRO D 318 -19.75 -38.09 -26.07
CA PRO D 318 -18.69 -37.06 -26.06
C PRO D 318 -19.25 -35.71 -26.47
N PHE D 319 -18.73 -34.66 -25.85
CA PHE D 319 -19.20 -33.32 -26.12
C PHE D 319 -18.86 -32.92 -27.56
N THR D 320 -19.64 -31.97 -28.09
CA THR D 320 -19.45 -31.50 -29.45
C THR D 320 -18.47 -30.34 -29.44
N PRO D 321 -17.25 -30.50 -29.98
CA PRO D 321 -16.29 -29.39 -29.95
C PRO D 321 -16.76 -28.23 -30.81
N MET D 322 -16.49 -27.02 -30.31
CA MET D 322 -16.88 -25.79 -31.01
C MET D 322 -16.10 -25.64 -32.30
#